data_5HPH
#
_entry.id   5HPH
#
_cell.length_a   93.437
_cell.length_b   104.946
_cell.length_c   156.909
_cell.angle_alpha   90.000
_cell.angle_beta   90.000
_cell.angle_gamma   90.000
#
_symmetry.space_group_name_H-M   'P 21 21 21'
#
loop_
_entity.id
_entity.type
_entity.pdbx_description
1 polymer 'Heat shock protein 75 kDa, mitochondrial'
2 non-polymer 'PHOSPHOAMINOPHOSPHONIC ACID-ADENYLATE ESTER'
3 non-polymer 'PHOSPHATE ION'
4 non-polymer 'MAGNESIUM ION'
5 non-polymer GLYCEROL
6 non-polymer 'SULFATE ION'
7 water water
#
_entity_poly.entity_id   1
_entity_poly.type   'polypeptide(L)'
_entity_poly.pdbx_seq_one_letter_code
;GAMGSSTQTAEDKEEPLHSIISSTESVQGSTSKHEFQAETKKLLDIVARSLYSEKEVFIRELISNASDALEKLRHKLVSD
GQALPEMEIHLQTNAEKGTITIQDTGIGMTQEELVSNLGTIARSGSKAFLDALQNQAEASSKIIGQFGVGFYSAFMVADR
VEVYSRSAAPGSLGYQWLSDGSGVFEIAEASGVRTGTKIIIHLKSDCKEFSSEARVRDVVTKYSNFVSFPLYLNGRRMNT
LQAIWMMDPKDVREWQHEEFYRYVAQAHDKPRYTLHYKTDAPLNIRSIFYVPDMKPSMFDVSRELGSSVALYSRKVLIQT
KATDILPKWLRFIRGVVDSEDIPLNLSRELLQESALIRKLRDVLQQRLIKFFIDQSKKDAEKYAKFFEDYGLFMREGIVT
ATEQEVKEDIAKLLRYESSALPSGQLTSLSEYASRMRAGTRNIYYLCAPNRHLAEHSPYYEAMKKKDTEVLFCFEQFDEL
TLLHLREFDKKKLISVETDI
;
_entity_poly.pdbx_strand_id   A,B
#
loop_
_chem_comp.id
_chem_comp.type
_chem_comp.name
_chem_comp.formula
ANP non-polymer 'PHOSPHOAMINOPHOSPHONIC ACID-ADENYLATE ESTER' 'C10 H17 N6 O12 P3'
GOL non-polymer GLYCEROL 'C3 H8 O3'
MG non-polymer 'MAGNESIUM ION' 'Mg 2'
PO4 non-polymer 'PHOSPHATE ION' 'O4 P -3'
SO4 non-polymer 'SULFATE ION' 'O4 S -2'
#
# COMPACT_ATOMS: atom_id res chain seq x y z
N PRO A 16 -22.53 -24.96 26.33
CA PRO A 16 -21.56 -24.26 25.50
C PRO A 16 -21.59 -22.74 25.62
N LEU A 17 -22.48 -22.19 26.46
CA LEU A 17 -22.53 -20.75 26.66
C LEU A 17 -21.64 -20.39 27.85
N HIS A 18 -20.52 -19.75 27.57
CA HIS A 18 -19.51 -19.44 28.57
C HIS A 18 -19.07 -18.00 28.40
N SER A 19 -19.36 -17.16 29.39
CA SER A 19 -18.85 -15.80 29.36
C SER A 19 -18.60 -15.34 30.80
N ILE A 20 -17.50 -14.63 30.99
CA ILE A 20 -17.13 -14.11 32.30
C ILE A 20 -17.52 -12.65 32.49
N ILE A 21 -18.10 -12.02 31.47
CA ILE A 21 -18.43 -10.60 31.54
C ILE A 21 -19.86 -10.46 32.03
N SER A 22 -20.00 -9.92 33.24
CA SER A 22 -21.24 -9.35 33.72
C SER A 22 -20.84 -8.10 34.49
N SER A 23 -21.81 -7.24 34.81
CA SER A 23 -21.41 -5.99 35.43
C SER A 23 -21.42 -6.22 36.92
N THR A 24 -20.25 -6.43 37.49
CA THR A 24 -20.03 -6.55 38.92
C THR A 24 -19.47 -5.28 39.52
N GLU A 25 -19.15 -4.30 38.71
CA GLU A 25 -18.26 -3.23 39.13
C GLU A 25 -19.06 -2.07 39.68
N SER A 26 -18.59 -1.53 40.80
CA SER A 26 -19.16 -0.33 41.37
C SER A 26 -18.00 0.54 41.83
N VAL A 27 -18.19 1.85 41.80
CA VAL A 27 -17.15 2.75 42.26
C VAL A 27 -17.40 3.03 43.74
N GLN A 28 -16.55 2.50 44.58
CA GLN A 28 -16.42 2.91 45.97
C GLN A 28 -15.06 3.57 46.08
N GLY A 29 -15.04 4.87 46.20
CA GLY A 29 -13.79 5.60 46.27
C GLY A 29 -13.95 7.02 45.76
N SER A 30 -12.86 7.76 45.84
CA SER A 30 -12.82 9.15 45.39
C SER A 30 -12.08 9.22 44.07
N THR A 31 -12.55 10.10 43.19
CA THR A 31 -11.90 10.28 41.89
C THR A 31 -10.75 11.26 42.01
N SER A 32 -9.61 10.91 41.41
CA SER A 32 -8.53 11.85 41.16
C SER A 32 -8.42 12.07 39.65
N LYS A 33 -8.19 13.31 39.25
CA LYS A 33 -8.11 13.66 37.84
C LYS A 33 -6.66 13.83 37.43
N HIS A 34 -6.33 13.37 36.23
CA HIS A 34 -4.95 13.35 35.76
C HIS A 34 -4.91 13.82 34.31
N GLU A 35 -3.76 14.38 33.93
CA GLU A 35 -3.48 14.71 32.54
C GLU A 35 -2.60 13.62 31.93
N PHE A 36 -2.86 13.31 30.67
CA PHE A 36 -1.94 12.46 29.93
C PHE A 36 -0.54 13.06 29.89
N GLN A 37 0.46 12.19 29.92
CA GLN A 37 1.86 12.53 29.73
C GLN A 37 2.35 11.88 28.45
N ALA A 38 3.64 12.00 28.19
CA ALA A 38 4.21 11.44 26.98
C ALA A 38 5.66 11.07 27.25
N GLU A 39 6.14 10.00 26.61
CA GLU A 39 7.55 9.66 26.69
C GLU A 39 8.20 10.29 25.47
N THR A 40 8.95 11.35 25.73
CA THR A 40 9.25 12.29 24.66
C THR A 40 10.35 11.77 23.75
N LYS A 41 11.39 11.17 24.33
CA LYS A 41 12.48 10.66 23.49
C LYS A 41 12.02 9.46 22.67
N LYS A 42 11.08 8.66 23.19
CA LYS A 42 10.58 7.54 22.42
C LYS A 42 9.68 8.01 21.28
N LEU A 43 8.80 8.98 21.54
CA LEU A 43 8.04 9.62 20.47
C LEU A 43 8.92 10.07 19.31
N LEU A 44 10.08 10.66 19.61
CA LEU A 44 11.00 11.03 18.56
C LEU A 44 11.58 9.81 17.87
N ASP A 45 11.79 8.73 18.61
CA ASP A 45 12.31 7.51 17.99
C ASP A 45 11.28 6.87 17.07
N ILE A 46 10.00 6.94 17.44
CA ILE A 46 8.94 6.39 16.62
C ILE A 46 8.88 7.10 15.27
N VAL A 47 8.99 8.42 15.29
CA VAL A 47 8.97 9.23 14.07
C VAL A 47 10.15 8.88 13.14
N ALA A 48 11.34 8.64 13.70
CA ALA A 48 12.50 8.36 12.86
C ALA A 48 12.54 6.93 12.32
N ARG A 49 11.81 6.00 12.92
CA ARG A 49 11.94 4.59 12.58
C ARG A 49 10.66 4.02 12.00
N SER A 50 9.55 4.18 12.72
CA SER A 50 8.31 3.46 12.50
C SER A 50 7.27 4.19 11.66
N LEU A 51 7.60 5.36 11.10
CA LEU A 51 6.60 6.23 10.46
C LEU A 51 6.65 6.18 8.92
N TYR A 52 7.79 6.54 8.33
CA TYR A 52 7.91 6.66 6.88
C TYR A 52 8.55 5.44 6.24
N SER A 53 8.08 5.14 5.04
CA SER A 53 8.61 4.02 4.26
C SER A 53 9.99 4.32 3.64
N GLU A 54 10.38 5.58 3.51
CA GLU A 54 11.67 5.94 2.94
C GLU A 54 12.25 7.13 3.70
N LYS A 55 13.57 7.13 3.86
CA LYS A 55 14.18 8.18 4.66
C LYS A 55 14.34 9.49 3.87
N GLU A 56 14.38 9.43 2.54
CA GLU A 56 14.52 10.64 1.72
C GLU A 56 13.41 11.65 1.99
N VAL A 57 12.29 11.19 2.55
CA VAL A 57 11.09 11.98 2.77
C VAL A 57 11.34 13.16 3.70
N PHE A 58 12.42 13.13 4.48
CA PHE A 58 12.78 14.30 5.29
C PHE A 58 12.98 15.54 4.43
N ILE A 59 13.41 15.36 3.17
CA ILE A 59 13.60 16.49 2.26
C ILE A 59 12.25 17.07 1.86
N ARG A 60 11.26 16.20 1.57
CA ARG A 60 9.89 16.66 1.37
C ARG A 60 9.39 17.46 2.58
N GLU A 61 9.65 16.95 3.79
CA GLU A 61 9.12 17.59 4.98
C GLU A 61 9.74 18.96 5.19
N LEU A 62 11.04 19.08 4.98
CA LEU A 62 11.70 20.38 5.17
C LEU A 62 11.27 21.38 4.11
N ILE A 63 11.07 20.93 2.87
CA ILE A 63 10.61 21.81 1.81
C ILE A 63 9.17 22.28 2.06
N SER A 64 8.30 21.44 2.63
CA SER A 64 6.96 21.90 2.95
C SER A 64 7.00 22.95 4.07
N ASN A 65 7.93 22.80 5.03
CA ASN A 65 8.06 23.78 6.09
C ASN A 65 8.60 25.11 5.57
N ALA A 66 9.60 25.04 4.68
CA ALA A 66 10.07 26.23 3.98
C ALA A 66 8.93 26.90 3.22
N SER A 67 8.18 26.12 2.44
CA SER A 67 7.05 26.67 1.70
C SER A 67 6.01 27.31 2.63
N ASP A 68 5.77 26.71 3.81
CA ASP A 68 4.80 27.26 4.75
C ASP A 68 5.29 28.56 5.38
N ALA A 69 6.60 28.64 5.67
CA ALA A 69 7.18 29.86 6.22
C ALA A 69 7.03 31.01 5.23
N LEU A 70 7.32 30.74 3.95
CA LEU A 70 7.17 31.73 2.90
C LEU A 70 5.71 32.12 2.71
N GLU A 71 4.80 31.15 2.80
CA GLU A 71 3.38 31.47 2.69
C GLU A 71 2.88 32.32 3.86
N LYS A 72 3.43 32.13 5.07
CA LYS A 72 3.04 33.01 6.17
C LYS A 72 3.57 34.43 5.96
N LEU A 73 4.86 34.56 5.64
CA LEU A 73 5.44 35.88 5.35
C LEU A 73 4.66 36.58 4.26
N ARG A 74 4.34 35.87 3.17
CA ARG A 74 3.52 36.45 2.11
C ARG A 74 2.17 36.92 2.66
N HIS A 75 1.51 36.12 3.48
CA HIS A 75 0.21 36.52 4.01
C HIS A 75 0.34 37.72 4.94
N LYS A 76 1.33 37.71 5.83
CA LYS A 76 1.56 38.84 6.72
C LYS A 76 1.76 40.12 5.91
N LEU A 77 2.66 40.08 4.92
CA LEU A 77 3.05 41.28 4.21
C LEU A 77 1.90 41.81 3.34
N VAL A 78 1.22 40.94 2.61
CA VAL A 78 0.13 41.37 1.73
C VAL A 78 -0.99 42.01 2.53
N SER A 79 -1.36 41.43 3.67
CA SER A 79 -2.46 42.00 4.44
C SER A 79 -2.06 43.30 5.13
N ASP A 80 -0.76 43.57 5.26
CA ASP A 80 -0.26 44.86 5.68
C ASP A 80 0.07 45.79 4.49
N GLY A 81 -0.27 45.40 3.26
CA GLY A 81 -0.05 46.30 2.14
C GLY A 81 1.41 46.43 1.73
N GLN A 82 2.26 45.47 2.07
CA GLN A 82 3.69 45.59 1.85
C GLN A 82 4.14 44.85 0.59
N ALA A 83 5.15 45.40 -0.05
CA ALA A 83 5.81 44.71 -1.16
C ALA A 83 6.54 43.48 -0.65
N LEU A 84 6.51 42.42 -1.43
CA LEU A 84 7.20 41.20 -1.06
C LEU A 84 8.70 41.33 -1.31
N PRO A 85 9.55 40.84 -0.38
CA PRO A 85 10.97 40.68 -0.70
C PRO A 85 11.15 39.39 -1.51
N GLU A 86 12.39 38.99 -1.78
CA GLU A 86 12.64 37.76 -2.55
C GLU A 86 12.15 36.56 -1.78
N MET A 87 11.30 35.74 -2.39
CA MET A 87 10.70 34.58 -1.76
C MET A 87 11.30 33.33 -2.41
N GLU A 88 12.19 32.65 -1.67
CA GLU A 88 12.99 31.60 -2.27
C GLU A 88 13.31 30.51 -1.25
N ILE A 89 13.55 29.32 -1.79
CA ILE A 89 13.95 28.12 -1.07
C ILE A 89 15.24 27.62 -1.68
N HIS A 90 16.26 27.40 -0.86
CA HIS A 90 17.56 26.97 -1.34
C HIS A 90 18.00 25.70 -0.65
N LEU A 91 18.61 24.81 -1.41
CA LEU A 91 19.30 23.64 -0.86
C LEU A 91 20.73 23.62 -1.36
N GLN A 92 21.62 23.18 -0.48
CA GLN A 92 23.01 22.95 -0.81
C GLN A 92 23.43 21.60 -0.27
N THR A 93 24.05 20.78 -1.10
CA THR A 93 24.73 19.58 -0.66
C THR A 93 26.20 19.88 -0.50
N ASN A 94 26.83 19.28 0.52
CA ASN A 94 28.28 19.30 0.62
C ASN A 94 28.76 17.87 0.85
N ALA A 95 29.46 17.32 -0.14
CA ALA A 95 29.95 15.95 0.02
C ALA A 95 31.14 15.92 0.96
N GLU A 96 32.01 16.93 0.87
CA GLU A 96 33.20 16.96 1.73
C GLU A 96 32.80 17.01 3.20
N LYS A 97 31.85 17.87 3.54
CA LYS A 97 31.46 18.03 4.93
C LYS A 97 30.33 17.12 5.37
N GLY A 98 29.74 16.35 4.45
CA GLY A 98 28.68 15.40 4.81
C GLY A 98 27.39 16.03 5.28
N THR A 99 26.95 17.11 4.64
CA THR A 99 25.80 17.85 5.09
C THR A 99 24.87 18.18 3.93
N ILE A 100 23.60 18.36 4.27
CA ILE A 100 22.61 18.96 3.39
C ILE A 100 22.01 20.13 4.16
N THR A 101 21.74 21.22 3.45
CA THR A 101 21.30 22.46 4.08
C THR A 101 20.13 23.04 3.30
N ILE A 102 19.07 23.39 4.00
CA ILE A 102 17.92 24.06 3.42
C ILE A 102 17.78 25.40 4.12
N GLN A 103 17.53 26.44 3.33
CA GLN A 103 17.35 27.78 3.85
C GLN A 103 16.21 28.45 3.11
N ASP A 104 15.34 29.13 3.86
CA ASP A 104 14.24 29.89 3.29
C ASP A 104 14.28 31.32 3.81
N THR A 105 13.76 32.22 2.99
CA THR A 105 13.65 33.66 3.27
C THR A 105 12.30 34.05 3.88
N GLY A 106 11.50 33.06 4.31
CA GLY A 106 10.19 33.31 4.88
C GLY A 106 10.21 33.78 6.33
N ILE A 107 9.11 33.51 7.04
CA ILE A 107 8.74 34.25 8.26
C ILE A 107 9.72 34.07 9.42
N GLY A 108 10.48 33.00 9.47
CA GLY A 108 11.45 32.84 10.56
C GLY A 108 10.79 32.61 11.93
N MET A 109 11.64 32.56 12.95
CA MET A 109 11.13 32.20 14.28
C MET A 109 11.82 33.04 15.35
N THR A 110 11.04 33.59 16.26
CA THR A 110 11.60 34.21 17.46
C THR A 110 12.16 33.11 18.36
N GLN A 111 12.74 33.51 19.50
CA GLN A 111 13.26 32.51 20.42
C GLN A 111 12.14 31.66 20.99
N GLU A 112 11.01 32.28 21.33
CA GLU A 112 9.92 31.50 21.88
C GLU A 112 9.37 30.54 20.84
N GLU A 113 9.29 31.00 19.57
CA GLU A 113 8.83 30.15 18.49
C GLU A 113 9.78 29.00 18.23
N LEU A 114 11.08 29.24 18.43
CA LEU A 114 12.03 28.13 18.36
C LEU A 114 11.78 27.13 19.48
N VAL A 115 11.69 27.60 20.72
CA VAL A 115 11.48 26.67 21.83
C VAL A 115 10.18 25.91 21.65
N SER A 116 9.12 26.59 21.20
CA SER A 116 7.79 26.01 21.14
C SER A 116 7.63 25.09 19.94
N ASN A 117 7.75 25.64 18.73
CA ASN A 117 7.37 24.94 17.51
C ASN A 117 8.32 23.79 17.18
N LEU A 118 9.62 23.98 17.38
CA LEU A 118 10.55 22.85 17.27
C LEU A 118 10.62 21.99 18.53
N GLY A 119 10.31 22.54 19.70
CA GLY A 119 10.58 21.84 20.93
C GLY A 119 9.44 21.03 21.50
N THR A 120 8.22 21.32 21.08
CA THR A 120 7.05 20.58 21.55
C THR A 120 6.55 19.67 20.44
N ILE A 121 6.64 18.35 20.66
CA ILE A 121 6.14 17.38 19.70
C ILE A 121 4.65 17.58 19.48
N ALA A 122 4.24 17.60 18.22
CA ALA A 122 2.88 17.82 17.71
C ALA A 122 2.47 19.29 17.75
N ARG A 123 3.28 20.19 18.30
CA ARG A 123 2.94 21.61 18.22
C ARG A 123 3.10 22.07 16.77
N SER A 124 2.03 22.58 16.18
CA SER A 124 2.06 23.02 14.79
C SER A 124 1.70 24.50 14.76
N GLY A 125 2.71 25.33 14.45
CA GLY A 125 2.45 26.75 14.25
C GLY A 125 1.64 27.00 12.99
N SER A 126 1.92 26.24 11.94
CA SER A 126 1.16 26.37 10.70
C SER A 126 -0.33 26.08 10.92
N LYS A 127 -0.65 25.06 11.72
CA LYS A 127 -2.05 24.72 11.95
C LYS A 127 -2.73 25.77 12.82
N ALA A 128 -2.01 26.34 13.80
CA ALA A 128 -2.53 27.45 14.58
C ALA A 128 -2.78 28.66 13.70
N PHE A 129 -1.89 28.90 12.74
CA PHE A 129 -2.12 29.90 11.71
C PHE A 129 -3.38 29.60 10.92
N LEU A 130 -3.45 28.42 10.30
CA LEU A 130 -4.64 28.07 9.51
C LEU A 130 -5.91 28.22 10.33
N ASP A 131 -5.88 27.77 11.60
CA ASP A 131 -7.03 27.96 12.48
C ASP A 131 -7.42 29.43 12.59
N ALA A 132 -6.46 30.30 12.87
CA ALA A 132 -6.76 31.73 12.93
C ALA A 132 -7.35 32.25 11.62
N LEU A 133 -7.00 31.65 10.47
CA LEU A 133 -7.52 32.14 9.19
C LEU A 133 -8.91 31.60 8.84
N GLN A 134 -9.37 30.53 9.50
CA GLN A 134 -10.74 30.00 9.34
C GLN A 134 -11.17 29.93 7.87
N ASN A 135 -10.28 29.47 7.01
CA ASN A 135 -10.60 29.20 5.60
C ASN A 135 -11.04 30.46 4.84
N GLN A 136 -10.69 31.66 5.31
CA GLN A 136 -11.02 32.92 4.65
C GLN A 136 -9.89 33.55 3.85
N ALA A 137 -8.72 32.91 3.76
CA ALA A 137 -7.55 33.51 3.14
C ALA A 137 -6.98 32.62 2.05
N GLU A 138 -6.27 33.22 1.10
CA GLU A 138 -5.59 32.44 0.07
C GLU A 138 -4.73 31.36 0.68
N ALA A 139 -4.04 31.68 1.78
CA ALA A 139 -3.14 30.75 2.43
C ALA A 139 -3.86 29.56 3.07
N SER A 140 -5.15 29.70 3.40
CA SER A 140 -5.93 28.61 3.97
C SER A 140 -5.84 27.34 3.14
N SER A 141 -5.78 27.45 1.82
CA SER A 141 -5.63 26.27 1.00
C SER A 141 -4.17 25.94 0.64
N LYS A 142 -3.22 26.83 0.92
CA LYS A 142 -1.82 26.58 0.56
C LYS A 142 -0.92 26.06 1.68
N ILE A 143 -1.31 26.15 2.95
CA ILE A 143 -0.43 25.73 4.04
C ILE A 143 -0.45 24.21 4.13
N ILE A 144 0.73 23.58 4.06
CA ILE A 144 0.85 22.11 4.02
C ILE A 144 0.80 21.47 5.42
N GLY A 145 1.42 22.09 6.43
CA GLY A 145 1.61 21.43 7.71
C GLY A 145 0.35 21.39 8.59
N GLN A 146 0.15 20.25 9.25
CA GLN A 146 -0.94 20.03 10.22
C GLN A 146 -0.43 19.38 11.52
N PHE A 147 0.28 18.25 11.39
CA PHE A 147 0.53 17.33 12.48
C PHE A 147 1.50 17.84 13.54
N GLY A 148 2.47 18.68 13.16
CA GLY A 148 3.51 19.11 14.07
C GLY A 148 4.64 18.12 14.31
N VAL A 149 4.73 17.04 13.54
CA VAL A 149 5.86 16.12 13.67
C VAL A 149 6.89 16.17 12.52
N GLY A 150 6.60 16.84 11.40
CA GLY A 150 7.37 16.55 10.21
C GLY A 150 8.83 16.99 10.29
N PHE A 151 9.12 18.02 11.07
CA PHE A 151 10.51 18.45 11.21
C PHE A 151 11.38 17.37 11.84
N TYR A 152 10.81 16.57 12.76
CA TYR A 152 11.57 15.52 13.42
C TYR A 152 12.02 14.43 12.46
N SER A 153 11.44 14.38 11.26
CA SER A 153 11.89 13.42 10.26
C SER A 153 13.35 13.57 9.90
N ALA A 154 13.98 14.69 10.28
CA ALA A 154 15.40 14.86 9.96
C ALA A 154 16.30 13.97 10.81
N PHE A 155 15.82 13.50 11.96
CA PHE A 155 16.63 12.62 12.81
C PHE A 155 16.70 11.21 12.26
N MET A 156 15.88 10.88 11.27
CA MET A 156 16.10 9.71 10.44
C MET A 156 17.52 9.70 9.90
N VAL A 157 17.92 10.79 9.24
CA VAL A 157 19.18 10.86 8.50
C VAL A 157 20.30 11.62 9.24
N ALA A 158 20.06 12.19 10.43
CA ALA A 158 21.01 13.16 10.98
C ALA A 158 21.64 12.68 12.29
N ASP A 159 22.94 12.97 12.43
CA ASP A 159 23.58 13.01 13.74
C ASP A 159 23.19 14.27 14.49
N ARG A 160 23.28 15.42 13.81
CA ARG A 160 23.01 16.71 14.43
C ARG A 160 22.19 17.56 13.47
N VAL A 161 21.34 18.40 14.05
CA VAL A 161 20.58 19.39 13.30
C VAL A 161 20.85 20.72 13.99
N GLU A 162 21.50 21.64 13.29
CA GLU A 162 21.64 23.00 13.78
C GLU A 162 20.79 23.94 12.94
N VAL A 163 20.03 24.79 13.62
CA VAL A 163 19.03 25.64 13.00
C VAL A 163 19.38 27.10 13.28
N TYR A 164 19.33 27.93 12.24
CA TYR A 164 19.43 29.37 12.37
C TYR A 164 18.13 30.00 11.87
N SER A 165 17.51 30.82 12.72
CA SER A 165 16.27 31.46 12.35
C SER A 165 16.30 32.90 12.85
N ARG A 166 15.73 33.80 12.05
CA ARG A 166 15.48 35.16 12.49
C ARG A 166 14.10 35.56 12.00
N SER A 167 13.21 35.90 12.93
CA SER A 167 11.84 36.27 12.59
C SER A 167 11.82 37.53 11.72
N ALA A 168 10.85 37.59 10.80
CA ALA A 168 10.70 38.79 9.98
C ALA A 168 10.13 39.96 10.77
N ALA A 169 9.75 39.75 12.03
CA ALA A 169 9.39 40.87 12.89
C ALA A 169 10.52 41.88 12.93
N PRO A 170 10.25 43.16 12.68
CA PRO A 170 11.33 44.15 12.61
C PRO A 170 12.10 44.22 13.92
N GLY A 171 13.42 44.32 13.82
CA GLY A 171 14.26 44.25 15.00
C GLY A 171 14.11 42.96 15.75
N SER A 172 14.26 41.84 15.04
CA SER A 172 14.32 40.52 15.64
C SER A 172 15.77 40.03 15.63
N LEU A 173 16.17 39.40 16.73
CA LEU A 173 17.47 38.78 16.80
C LEU A 173 17.46 37.42 16.10
N GLY A 174 18.64 36.99 15.66
CA GLY A 174 18.81 35.63 15.18
C GLY A 174 19.17 34.70 16.33
N TYR A 175 18.88 33.41 16.15
CA TYR A 175 19.15 32.40 17.18
C TYR A 175 19.59 31.11 16.52
N GLN A 176 20.23 30.27 17.32
CA GLN A 176 20.66 28.95 16.90
C GLN A 176 19.98 27.91 17.76
N TRP A 177 19.34 26.96 17.10
CA TRP A 177 18.69 25.81 17.75
C TRP A 177 19.47 24.57 17.34
N LEU A 178 19.98 23.84 18.33
CA LEU A 178 20.88 22.73 18.06
C LEU A 178 20.37 21.51 18.79
N SER A 179 20.26 20.39 18.07
CA SER A 179 19.87 19.15 18.73
C SER A 179 20.47 17.95 18.03
N ASP A 180 20.87 16.97 18.85
CA ASP A 180 21.26 15.65 18.40
C ASP A 180 20.09 14.67 18.40
N GLY A 181 18.88 15.15 18.68
CA GLY A 181 17.71 14.31 18.64
C GLY A 181 17.51 13.43 19.84
N SER A 182 18.35 13.56 20.86
CA SER A 182 18.37 12.67 22.01
C SER A 182 17.30 12.99 23.05
N GLY A 183 16.48 14.01 22.84
CA GLY A 183 15.55 14.45 23.85
C GLY A 183 15.91 15.75 24.55
N VAL A 184 17.06 16.35 24.21
CA VAL A 184 17.38 17.72 24.59
C VAL A 184 17.83 18.49 23.36
N PHE A 185 17.70 19.81 23.44
CA PHE A 185 18.20 20.72 22.42
C PHE A 185 18.71 21.98 23.14
N GLU A 186 19.45 22.79 22.40
CA GLU A 186 20.11 23.97 22.94
C GLU A 186 19.74 25.18 22.11
N ILE A 187 19.67 26.33 22.78
CA ILE A 187 19.30 27.60 22.16
C ILE A 187 20.30 28.67 22.59
N ALA A 188 20.79 29.44 21.62
CA ALA A 188 21.70 30.54 21.88
C ALA A 188 21.56 31.57 20.77
N GLU A 189 21.94 32.80 21.08
CA GLU A 189 21.83 33.90 20.13
C GLU A 189 22.89 33.77 19.03
N ALA A 190 22.61 34.39 17.89
CA ALA A 190 23.51 34.26 16.76
C ALA A 190 23.42 35.49 15.87
N SER A 191 24.55 35.82 15.25
CA SER A 191 24.59 36.83 14.21
C SER A 191 25.73 36.43 13.27
N GLY A 192 25.56 36.67 11.97
CA GLY A 192 24.30 37.12 11.46
C GLY A 192 23.42 35.99 10.98
N VAL A 193 22.13 36.18 11.11
CA VAL A 193 21.15 35.26 10.60
C VAL A 193 20.25 36.06 9.68
N ARG A 194 20.21 35.66 8.41
CA ARG A 194 19.29 36.30 7.50
C ARG A 194 17.87 36.04 7.97
N THR A 195 16.97 37.01 7.76
CA THR A 195 15.58 36.74 8.15
C THR A 195 15.13 35.51 7.37
N GLY A 196 14.69 34.51 8.10
CA GLY A 196 14.39 33.25 7.49
C GLY A 196 14.79 32.15 8.43
N THR A 197 14.91 30.95 7.88
CA THR A 197 15.39 29.81 8.65
C THR A 197 16.38 29.02 7.81
N LYS A 198 17.53 28.70 8.39
CA LYS A 198 18.51 27.85 7.76
C LYS A 198 18.68 26.60 8.62
N ILE A 199 18.44 25.44 8.01
CA ILE A 199 18.56 24.17 8.70
C ILE A 199 19.76 23.43 8.12
N ILE A 200 20.71 23.06 8.98
CA ILE A 200 21.90 22.34 8.58
C ILE A 200 21.82 20.93 9.16
N ILE A 201 21.85 19.93 8.28
CA ILE A 201 21.77 18.53 8.67
C ILE A 201 23.14 17.90 8.52
N HIS A 202 23.68 17.37 9.62
CA HIS A 202 24.91 16.60 9.59
C HIS A 202 24.54 15.13 9.47
N LEU A 203 24.81 14.55 8.30
CA LEU A 203 24.26 13.24 7.96
C LEU A 203 25.03 12.12 8.65
N LYS A 204 24.34 11.01 8.84
CA LYS A 204 24.96 9.83 9.43
C LYS A 204 25.85 9.14 8.41
N SER A 205 26.48 8.05 8.83
CA SER A 205 27.39 7.29 7.96
C SER A 205 26.64 6.72 6.76
N ASP A 206 25.54 6.02 7.02
CA ASP A 206 24.73 5.39 5.97
C ASP A 206 23.97 6.41 5.13
N CYS A 207 23.74 7.60 5.65
CA CYS A 207 22.92 8.59 4.99
C CYS A 207 23.74 9.57 4.16
N LYS A 208 25.05 9.31 3.98
CA LYS A 208 25.93 10.24 3.29
C LYS A 208 25.36 10.65 1.94
N GLU A 209 25.20 9.73 0.97
CA GLU A 209 23.92 9.69 0.25
C GLU A 209 23.45 11.09 -0.16
N PHE A 210 22.45 11.59 0.58
CA PHE A 210 21.85 12.91 0.42
C PHE A 210 22.84 14.07 0.48
N SER A 211 24.11 13.85 0.81
CA SER A 211 25.15 14.84 0.49
C SER A 211 25.53 14.86 -0.99
N SER A 212 24.94 13.99 -1.81
CA SER A 212 25.21 13.97 -3.24
C SER A 212 24.13 14.74 -3.99
N GLU A 213 24.55 15.71 -4.80
CA GLU A 213 23.59 16.55 -5.49
C GLU A 213 22.68 15.73 -6.40
N ALA A 214 23.21 14.69 -7.04
CA ALA A 214 22.42 13.89 -7.95
C ALA A 214 21.27 13.19 -7.22
N ARG A 215 21.53 12.67 -6.02
CA ARG A 215 20.48 12.01 -5.25
C ARG A 215 19.41 13.00 -4.79
N VAL A 216 19.85 14.12 -4.21
CA VAL A 216 18.93 15.15 -3.71
C VAL A 216 18.10 15.71 -4.85
N ARG A 217 18.71 15.94 -6.01
CA ARG A 217 17.98 16.42 -7.18
C ARG A 217 16.82 15.49 -7.51
N ASP A 218 17.03 14.17 -7.38
CA ASP A 218 15.98 13.20 -7.65
C ASP A 218 14.85 13.29 -6.63
N VAL A 219 15.20 13.47 -5.36
CA VAL A 219 14.17 13.53 -4.30
C VAL A 219 13.30 14.76 -4.49
N VAL A 220 13.93 15.89 -4.81
CA VAL A 220 13.20 17.15 -4.95
C VAL A 220 12.17 17.02 -6.07
N THR A 221 12.59 16.54 -7.25
CA THR A 221 11.65 16.48 -8.36
C THR A 221 10.57 15.43 -8.14
N LYS A 222 10.82 14.47 -7.25
CA LYS A 222 9.83 13.44 -7.00
C LYS A 222 8.66 13.97 -6.19
N TYR A 223 8.94 14.70 -5.11
CA TYR A 223 7.93 15.15 -4.14
C TYR A 223 7.54 16.61 -4.34
N SER A 224 8.53 17.47 -4.27
CA SER A 224 8.40 18.91 -4.16
C SER A 224 8.48 19.64 -5.50
N ASN A 225 8.46 18.92 -6.62
CA ASN A 225 8.66 19.53 -7.93
C ASN A 225 7.71 20.71 -8.21
N PHE A 226 6.50 20.70 -7.63
CA PHE A 226 5.48 21.73 -7.82
C PHE A 226 5.37 22.77 -6.69
N VAL A 227 6.33 22.80 -5.76
CA VAL A 227 6.29 23.79 -4.69
C VAL A 227 6.14 25.20 -5.26
N SER A 228 5.34 26.02 -4.56
CA SER A 228 4.87 27.30 -5.09
C SER A 228 5.95 28.37 -5.13
N PHE A 229 7.08 28.17 -4.43
CA PHE A 229 8.07 29.25 -4.45
C PHE A 229 9.30 28.79 -5.19
N PRO A 230 10.03 29.70 -5.82
CA PRO A 230 11.23 29.30 -6.56
C PRO A 230 12.17 28.51 -5.66
N LEU A 231 12.60 27.35 -6.16
CA LEU A 231 13.46 26.45 -5.41
C LEU A 231 14.79 26.30 -6.14
N TYR A 232 15.88 26.44 -5.41
CA TYR A 232 17.22 26.32 -5.97
C TYR A 232 18.00 25.24 -5.23
N LEU A 233 18.69 24.39 -6.00
CA LEU A 233 19.58 23.37 -5.47
C LEU A 233 20.98 23.65 -6.01
N ASN A 234 21.91 23.98 -5.11
CA ASN A 234 23.26 24.36 -5.51
C ASN A 234 23.23 25.37 -6.64
N GLY A 235 22.41 26.41 -6.46
CA GLY A 235 22.25 27.44 -7.47
C GLY A 235 21.36 27.10 -8.64
N ARG A 236 20.93 25.84 -8.80
CA ARG A 236 20.18 25.43 -9.98
C ARG A 236 18.69 25.47 -9.70
N ARG A 237 17.92 25.96 -10.67
CA ARG A 237 16.48 26.14 -10.50
C ARG A 237 15.76 24.83 -10.77
N MET A 238 15.03 24.34 -9.77
CA MET A 238 14.43 23.01 -9.77
C MET A 238 13.05 22.98 -10.42
N ASN A 239 12.10 23.77 -9.91
CA ASN A 239 10.72 23.66 -10.39
C ASN A 239 10.53 24.62 -11.55
N THR A 240 10.55 24.09 -12.76
CA THR A 240 10.24 24.86 -13.97
C THR A 240 8.85 24.59 -14.48
N LEU A 241 8.12 23.66 -13.87
CA LEU A 241 6.89 23.12 -14.42
C LEU A 241 5.73 23.61 -13.56
N GLN A 242 4.76 24.25 -14.19
CA GLN A 242 3.60 24.75 -13.46
C GLN A 242 2.64 23.63 -13.17
N ALA A 243 1.89 23.76 -12.08
CA ALA A 243 0.95 22.70 -11.77
C ALA A 243 -0.33 23.09 -12.49
N ILE A 244 -0.53 22.48 -13.67
CA ILE A 244 -1.55 22.97 -14.59
C ILE A 244 -2.92 22.44 -14.21
N TRP A 245 -2.98 21.44 -13.34
CA TRP A 245 -4.27 21.03 -12.82
C TRP A 245 -4.89 22.11 -11.94
N MET A 246 -4.08 23.03 -11.41
CA MET A 246 -4.61 24.17 -10.67
C MET A 246 -5.15 25.27 -11.59
N MET A 247 -4.57 25.41 -12.78
CA MET A 247 -4.97 26.46 -13.68
C MET A 247 -6.39 26.22 -14.19
N ASP A 248 -7.09 27.32 -14.48
CA ASP A 248 -8.40 27.20 -15.10
C ASP A 248 -8.25 26.46 -16.43
N PRO A 249 -9.15 25.52 -16.73
CA PRO A 249 -8.93 24.62 -17.87
C PRO A 249 -8.66 25.33 -19.19
N LYS A 250 -9.42 26.38 -19.50
CA LYS A 250 -9.26 26.99 -20.83
C LYS A 250 -7.97 27.79 -20.95
N ASP A 251 -7.24 28.02 -19.85
CA ASP A 251 -5.94 28.68 -19.89
C ASP A 251 -4.79 27.74 -20.27
N VAL A 252 -4.99 26.42 -20.19
CA VAL A 252 -3.93 25.44 -20.37
C VAL A 252 -3.96 24.96 -21.82
N ARG A 253 -2.91 25.25 -22.59
CA ARG A 253 -2.93 24.94 -24.00
C ARG A 253 -2.34 23.56 -24.26
N GLU A 254 -2.39 23.14 -25.53
CA GLU A 254 -1.98 21.80 -25.91
C GLU A 254 -0.50 21.55 -25.66
N TRP A 255 0.31 22.61 -25.75
CA TRP A 255 1.74 22.46 -25.52
C TRP A 255 2.00 21.99 -24.09
N GLN A 256 1.32 22.63 -23.12
CA GLN A 256 1.55 22.31 -21.72
C GLN A 256 1.04 20.90 -21.36
N HIS A 257 -0.14 20.53 -21.85
CA HIS A 257 -0.65 19.19 -21.59
C HIS A 257 0.31 18.15 -22.13
N GLU A 258 0.74 18.30 -23.38
CA GLU A 258 1.70 17.37 -23.96
C GLU A 258 2.94 17.21 -23.09
N GLU A 259 3.46 18.33 -22.58
CA GLU A 259 4.68 18.29 -21.78
C GLU A 259 4.43 17.75 -20.39
N PHE A 260 3.36 18.22 -19.74
CA PHE A 260 3.03 17.71 -18.42
C PHE A 260 2.65 16.22 -18.48
N TYR A 261 1.85 15.84 -19.49
CA TYR A 261 1.57 14.42 -19.69
C TYR A 261 2.85 13.61 -19.73
N ARG A 262 3.85 14.10 -20.47
CA ARG A 262 5.08 13.33 -20.55
C ARG A 262 5.78 13.26 -19.20
N TYR A 263 5.71 14.33 -18.40
CA TYR A 263 6.29 14.28 -17.08
C TYR A 263 5.55 13.30 -16.17
N VAL A 264 4.24 13.49 -16.00
CA VAL A 264 3.53 12.74 -14.97
C VAL A 264 3.30 11.28 -15.38
N ALA A 265 3.34 10.96 -16.67
CA ALA A 265 3.25 9.59 -17.14
C ALA A 265 4.61 8.93 -17.33
N GLN A 266 5.70 9.70 -17.28
CA GLN A 266 7.01 9.22 -17.71
C GLN A 266 6.94 8.58 -19.10
N ALA A 267 6.37 9.33 -20.04
CA ALA A 267 6.11 8.82 -21.38
C ALA A 267 6.70 9.77 -22.41
N HIS A 268 7.08 9.24 -23.57
CA HIS A 268 7.60 10.05 -24.67
C HIS A 268 6.58 10.36 -25.77
N ASP A 269 5.36 9.84 -25.68
CA ASP A 269 4.31 10.09 -26.66
C ASP A 269 3.46 11.29 -26.23
N LYS A 270 2.29 11.47 -26.89
CA LYS A 270 1.29 12.49 -26.60
C LYS A 270 0.00 11.86 -26.07
N PRO A 271 -0.79 12.60 -25.29
CA PRO A 271 -2.11 12.08 -24.90
C PRO A 271 -3.07 12.07 -26.08
N ARG A 272 -3.81 10.97 -26.24
CA ARG A 272 -4.86 10.98 -27.24
C ARG A 272 -6.11 11.68 -26.75
N TYR A 273 -6.38 11.65 -25.43
CA TYR A 273 -7.50 12.33 -24.80
C TYR A 273 -7.03 13.02 -23.53
N THR A 274 -7.70 14.13 -23.20
CA THR A 274 -7.35 14.97 -22.08
C THR A 274 -8.63 15.45 -21.43
N LEU A 275 -8.74 15.26 -20.12
CA LEU A 275 -9.89 15.74 -19.35
C LEU A 275 -9.36 16.48 -18.13
N HIS A 276 -9.63 17.76 -18.07
CA HIS A 276 -9.28 18.62 -16.95
C HIS A 276 -10.52 18.77 -16.10
N TYR A 277 -10.49 18.28 -14.87
CA TYR A 277 -11.72 18.13 -14.08
C TYR A 277 -11.54 18.77 -12.72
N LYS A 278 -12.41 19.73 -12.41
CA LYS A 278 -12.49 20.34 -11.11
C LYS A 278 -13.93 20.26 -10.63
N THR A 279 -14.10 19.98 -9.34
CA THR A 279 -15.41 20.00 -8.70
C THR A 279 -15.19 20.14 -7.22
N ASP A 280 -16.23 20.58 -6.51
CA ASP A 280 -16.34 20.22 -5.09
C ASP A 280 -17.57 19.34 -4.90
N ALA A 281 -17.32 18.04 -4.79
CA ALA A 281 -18.14 17.00 -4.16
C ALA A 281 -17.39 15.73 -4.52
N PRO A 282 -17.21 14.81 -3.56
CA PRO A 282 -17.36 14.99 -2.12
C PRO A 282 -16.27 15.90 -1.57
N LEU A 283 -15.20 16.09 -2.34
CA LEU A 283 -14.05 16.90 -1.99
C LEU A 283 -13.85 17.99 -3.03
N ASN A 284 -12.81 18.80 -2.83
CA ASN A 284 -12.31 19.74 -3.84
C ASN A 284 -11.30 18.98 -4.67
N ILE A 285 -11.62 18.76 -5.95
CA ILE A 285 -10.76 18.04 -6.88
C ILE A 285 -10.21 19.05 -7.87
N ARG A 286 -8.90 19.01 -8.07
CA ARG A 286 -8.30 19.56 -9.27
C ARG A 286 -7.50 18.44 -9.93
N SER A 287 -7.94 17.98 -11.10
CA SER A 287 -7.41 16.77 -11.70
C SER A 287 -7.28 16.91 -13.22
N ILE A 288 -6.29 16.21 -13.77
CA ILE A 288 -6.13 16.07 -15.21
C ILE A 288 -5.97 14.59 -15.52
N PHE A 289 -6.76 14.09 -16.45
CA PHE A 289 -6.73 12.69 -16.87
C PHE A 289 -6.32 12.57 -18.32
N TYR A 290 -5.38 11.66 -18.62
CA TYR A 290 -4.92 11.43 -19.98
C TYR A 290 -5.09 9.97 -20.39
N VAL A 291 -5.38 9.75 -21.66
CA VAL A 291 -5.20 8.44 -22.30
C VAL A 291 -4.00 8.55 -23.25
N PRO A 292 -3.01 7.67 -23.13
CA PRO A 292 -1.85 7.75 -24.04
C PRO A 292 -2.23 7.48 -25.50
N ASP A 293 -1.50 8.12 -26.42
CA ASP A 293 -1.57 7.75 -27.84
C ASP A 293 -1.21 6.29 -28.03
N MET A 294 -0.20 5.79 -27.32
CA MET A 294 0.16 4.42 -27.59
C MET A 294 -0.91 3.48 -27.06
N LYS A 295 -0.76 2.21 -27.39
CA LYS A 295 -1.78 1.28 -27.03
C LYS A 295 -1.15 0.28 -26.08
N PRO A 296 -1.92 -0.24 -25.12
CA PRO A 296 -1.31 -1.08 -24.08
C PRO A 296 -0.63 -2.30 -24.69
N SER A 297 0.60 -2.57 -24.27
CA SER A 297 1.19 -3.85 -24.64
C SER A 297 0.55 -4.86 -23.70
N MET A 298 -0.23 -5.78 -24.27
CA MET A 298 -1.47 -6.19 -23.61
C MET A 298 -1.17 -6.66 -22.18
N PHE A 299 -0.27 -7.62 -21.95
CA PHE A 299 -0.05 -8.84 -22.73
C PHE A 299 -0.48 -9.89 -21.70
N ASP A 300 0.24 -9.92 -20.58
CA ASP A 300 -0.35 -10.34 -19.32
C ASP A 300 -0.06 -9.31 -18.22
N VAL A 301 1.19 -9.22 -17.76
CA VAL A 301 1.64 -8.14 -16.87
C VAL A 301 3.13 -7.93 -17.09
N SER A 302 3.59 -6.67 -17.03
CA SER A 302 5.02 -6.46 -16.83
C SER A 302 5.33 -5.45 -15.72
N ARG A 303 5.14 -4.17 -16.03
CA ARG A 303 5.13 -3.09 -15.05
C ARG A 303 3.71 -2.71 -14.66
N GLU A 304 2.73 -3.49 -15.10
CA GLU A 304 1.33 -3.09 -15.17
C GLU A 304 0.62 -3.14 -13.83
N LEU A 305 1.33 -3.46 -12.75
CA LEU A 305 0.99 -2.87 -11.45
C LEU A 305 1.82 -1.61 -11.36
N GLY A 306 1.17 -0.47 -11.52
CA GLY A 306 1.84 0.76 -11.82
C GLY A 306 0.97 1.60 -12.72
N SER A 307 1.62 2.53 -13.43
CA SER A 307 1.01 3.22 -14.58
C SER A 307 -0.35 3.82 -14.23
N SER A 308 -0.36 4.63 -13.17
CA SER A 308 -1.58 5.16 -12.60
C SER A 308 -1.57 6.70 -12.68
N VAL A 309 -2.60 7.26 -12.10
CA VAL A 309 -2.64 8.67 -11.73
C VAL A 309 -1.81 8.91 -10.48
N ALA A 310 -1.12 10.05 -10.42
CA ALA A 310 -0.44 10.47 -9.18
C ALA A 310 -1.37 11.28 -8.28
N LEU A 311 -1.27 11.03 -6.97
CA LEU A 311 -2.06 11.74 -5.97
C LEU A 311 -1.24 12.85 -5.33
N TYR A 312 -1.78 14.07 -5.34
CA TYR A 312 -1.14 15.22 -4.71
C TYR A 312 -2.09 15.83 -3.70
N SER A 313 -1.52 16.57 -2.75
CA SER A 313 -2.31 17.46 -1.91
C SER A 313 -1.52 18.75 -1.69
N ARG A 314 -2.16 19.89 -1.97
CA ARG A 314 -1.53 21.21 -1.86
C ARG A 314 -0.15 21.21 -2.52
N LYS A 315 -0.09 20.66 -3.73
CA LYS A 315 1.10 20.56 -4.57
C LYS A 315 2.22 19.69 -3.98
N VAL A 316 1.94 18.80 -3.04
CA VAL A 316 2.95 17.86 -2.55
C VAL A 316 2.48 16.47 -2.97
N LEU A 317 3.36 15.72 -3.59
CA LEU A 317 3.08 14.32 -3.92
C LEU A 317 2.71 13.55 -2.66
N ILE A 318 1.58 12.84 -2.72
CA ILE A 318 1.25 11.80 -1.74
C ILE A 318 1.73 10.44 -2.26
N GLN A 319 1.20 9.99 -3.42
CA GLN A 319 1.53 8.71 -4.04
C GLN A 319 1.72 8.86 -5.55
N THR A 320 2.82 8.30 -6.08
CA THR A 320 3.09 8.37 -7.52
C THR A 320 2.08 7.55 -8.32
N LYS A 321 1.72 6.37 -7.85
CA LYS A 321 0.65 5.59 -8.44
C LYS A 321 -0.44 5.53 -7.38
N ALA A 322 -1.55 6.23 -7.61
CA ALA A 322 -2.58 6.29 -6.60
C ALA A 322 -3.53 5.14 -6.88
N THR A 323 -3.47 4.15 -6.00
CA THR A 323 -4.19 2.90 -6.22
C THR A 323 -5.66 3.03 -5.82
N ASP A 324 -5.93 3.70 -4.71
CA ASP A 324 -7.28 3.68 -4.14
C ASP A 324 -8.29 4.47 -4.95
N ILE A 325 -7.88 5.57 -5.61
CA ILE A 325 -8.83 6.60 -6.02
C ILE A 325 -9.48 6.34 -7.39
N LEU A 326 -9.00 5.38 -8.17
CA LEU A 326 -9.70 4.97 -9.40
C LEU A 326 -9.91 3.47 -9.42
N PRO A 327 -10.98 2.99 -10.03
CA PRO A 327 -11.16 1.54 -10.16
C PRO A 327 -10.03 0.94 -10.96
N LYS A 328 -9.72 -0.33 -10.68
CA LYS A 328 -8.61 -1.00 -11.36
C LYS A 328 -8.76 -0.96 -12.87
N TRP A 329 -10.00 -1.04 -13.39
CA TRP A 329 -10.19 -1.09 -14.84
C TRP A 329 -9.84 0.22 -15.52
N LEU A 330 -9.82 1.33 -14.76
CA LEU A 330 -9.41 2.66 -15.23
C LEU A 330 -7.91 2.91 -15.04
N ARG A 331 -7.15 1.87 -14.68
CA ARG A 331 -5.72 2.03 -14.44
C ARG A 331 -4.94 2.47 -15.67
N PHE A 332 -5.52 2.36 -16.88
CA PHE A 332 -4.79 2.81 -18.05
C PHE A 332 -4.67 4.34 -18.11
N ILE A 333 -5.39 5.04 -17.26
CA ILE A 333 -5.41 6.50 -17.27
C ILE A 333 -4.18 7.04 -16.53
N ARG A 334 -3.58 8.09 -17.09
CA ARG A 334 -2.44 8.75 -16.47
C ARG A 334 -2.84 10.19 -16.14
N GLY A 335 -2.15 10.78 -15.18
CA GLY A 335 -2.49 12.15 -14.84
C GLY A 335 -2.22 12.41 -13.36
N VAL A 336 -2.96 13.38 -12.83
CA VAL A 336 -2.79 13.83 -11.46
C VAL A 336 -4.16 14.12 -10.88
N VAL A 337 -4.34 13.77 -9.61
CA VAL A 337 -5.49 14.15 -8.81
C VAL A 337 -4.96 14.84 -7.56
N ASP A 338 -5.31 16.13 -7.40
CA ASP A 338 -4.92 16.93 -6.24
C ASP A 338 -6.15 17.37 -5.47
N SER A 339 -6.13 17.12 -4.17
CA SER A 339 -7.21 17.52 -3.28
C SER A 339 -6.61 18.23 -2.07
N GLU A 340 -7.14 19.42 -1.75
CA GLU A 340 -6.60 20.16 -0.63
C GLU A 340 -7.13 19.66 0.71
N ASP A 341 -8.35 19.13 0.72
CA ASP A 341 -9.03 18.66 1.92
C ASP A 341 -8.95 17.14 2.16
N ILE A 342 -8.22 16.41 1.33
CA ILE A 342 -8.23 14.96 1.40
C ILE A 342 -7.53 14.48 2.68
N PRO A 343 -8.18 13.69 3.52
CA PRO A 343 -7.54 13.29 4.78
C PRO A 343 -6.28 12.47 4.53
N LEU A 344 -5.19 12.91 5.12
CA LEU A 344 -3.89 12.31 4.90
C LEU A 344 -3.52 11.44 6.09
N ASN A 345 -2.84 10.35 5.82
CA ASN A 345 -2.17 9.60 6.86
C ASN A 345 -1.04 10.43 7.49
N LEU A 346 -0.75 10.15 8.77
CA LEU A 346 0.33 10.84 9.46
C LEU A 346 1.66 10.75 8.70
N SER A 347 1.92 9.65 8.01
CA SER A 347 3.12 9.51 7.18
C SER A 347 3.06 10.32 5.88
N ARG A 348 1.89 10.83 5.52
CA ARG A 348 1.63 11.56 4.28
C ARG A 348 1.98 10.75 3.03
N GLU A 349 2.05 9.42 3.14
CA GLU A 349 2.19 8.50 2.03
C GLU A 349 0.87 7.84 1.64
N LEU A 350 -0.19 8.08 2.39
CA LEU A 350 -1.43 7.34 2.18
C LEU A 350 -2.59 8.24 2.58
N LEU A 351 -3.79 7.74 2.33
CA LEU A 351 -5.02 8.44 2.67
C LEU A 351 -5.72 7.72 3.81
N GLN A 352 -6.42 8.52 4.62
CA GLN A 352 -7.24 7.93 5.65
C GLN A 352 -8.52 7.44 5.02
N GLU A 353 -8.75 6.12 5.09
CA GLU A 353 -9.84 5.53 4.35
C GLU A 353 -11.15 6.01 4.93
N SER A 354 -12.13 6.18 4.06
CA SER A 354 -13.43 6.67 4.47
C SER A 354 -14.42 6.30 3.38
N ALA A 355 -15.68 6.63 3.59
CA ALA A 355 -16.57 6.81 2.46
C ALA A 355 -16.09 7.95 1.58
N LEU A 356 -15.26 8.84 2.14
CA LEU A 356 -14.77 10.00 1.41
C LEU A 356 -13.92 9.60 0.20
N ILE A 357 -13.07 8.59 0.35
CA ILE A 357 -12.29 8.10 -0.79
C ILE A 357 -13.17 7.28 -1.72
N ARG A 358 -14.05 6.45 -1.16
CA ARG A 358 -14.87 5.58 -1.98
C ARG A 358 -15.91 6.38 -2.75
N LYS A 359 -16.41 7.46 -2.15
CA LYS A 359 -17.25 8.39 -2.92
C LYS A 359 -16.45 9.06 -4.03
N LEU A 360 -15.22 9.49 -3.73
CA LEU A 360 -14.38 10.08 -4.75
C LEU A 360 -14.11 9.11 -5.88
N ARG A 361 -13.84 7.84 -5.56
CA ARG A 361 -13.59 6.85 -6.60
C ARG A 361 -14.80 6.70 -7.51
N ASP A 362 -16.01 6.76 -6.95
CA ASP A 362 -17.20 6.59 -7.77
C ASP A 362 -17.54 7.86 -8.54
N VAL A 363 -17.27 9.03 -7.96
CA VAL A 363 -17.45 10.28 -8.67
C VAL A 363 -16.50 10.34 -9.87
N LEU A 364 -15.26 9.86 -9.71
CA LEU A 364 -14.32 9.85 -10.84
C LEU A 364 -14.70 8.79 -11.87
N GLN A 365 -15.15 7.62 -11.43
CA GLN A 365 -15.56 6.61 -12.41
C GLN A 365 -16.76 7.10 -13.23
N GLN A 366 -17.78 7.64 -12.56
CA GLN A 366 -18.90 8.26 -13.27
C GLN A 366 -18.42 9.34 -14.23
N ARG A 367 -17.49 10.22 -13.78
CA ARG A 367 -17.08 11.34 -14.61
C ARG A 367 -16.30 10.90 -15.84
N LEU A 368 -15.41 9.90 -15.69
CA LEU A 368 -14.65 9.42 -16.84
C LEU A 368 -15.51 8.58 -17.78
N ILE A 369 -16.51 7.87 -17.26
CA ILE A 369 -17.41 7.19 -18.20
C ILE A 369 -18.19 8.22 -19.01
N LYS A 370 -18.68 9.28 -18.34
CA LYS A 370 -19.35 10.34 -19.06
C LYS A 370 -18.43 10.96 -20.12
N PHE A 371 -17.16 11.19 -19.74
CA PHE A 371 -16.19 11.71 -20.69
C PHE A 371 -16.14 10.87 -21.96
N PHE A 372 -15.97 9.54 -21.80
CA PHE A 372 -15.77 8.67 -22.96
C PHE A 372 -17.04 8.55 -23.79
N ILE A 373 -18.20 8.54 -23.14
CA ILE A 373 -19.46 8.61 -23.89
C ILE A 373 -19.47 9.86 -24.76
N ASP A 374 -19.11 11.01 -24.17
CA ASP A 374 -19.12 12.27 -24.90
C ASP A 374 -18.12 12.25 -26.05
N GLN A 375 -16.91 11.71 -25.83
CA GLN A 375 -15.95 11.59 -26.91
C GLN A 375 -16.49 10.73 -28.07
N SER A 376 -17.27 9.67 -27.76
CA SER A 376 -17.84 8.86 -28.83
C SER A 376 -18.81 9.67 -29.68
N LYS A 377 -19.53 10.62 -29.07
CA LYS A 377 -20.47 11.49 -29.78
C LYS A 377 -19.77 12.61 -30.56
N LYS A 378 -18.61 13.09 -30.11
CA LYS A 378 -17.90 14.12 -30.87
C LYS A 378 -17.22 13.53 -32.10
N ASP A 379 -16.19 12.69 -31.88
CA ASP A 379 -15.47 12.01 -32.95
C ASP A 379 -15.68 10.50 -32.78
N ALA A 380 -16.50 9.90 -33.63
CA ALA A 380 -16.78 8.47 -33.47
C ALA A 380 -15.66 7.61 -34.04
N GLU A 381 -15.01 8.09 -35.11
CA GLU A 381 -13.86 7.37 -35.66
C GLU A 381 -12.70 7.31 -34.68
N LYS A 382 -12.40 8.43 -34.00
CA LYS A 382 -11.37 8.41 -32.98
C LYS A 382 -11.76 7.52 -31.81
N TYR A 383 -13.03 7.58 -31.41
CA TYR A 383 -13.46 6.77 -30.29
C TYR A 383 -13.33 5.28 -30.62
N ALA A 384 -13.57 4.92 -31.88
CA ALA A 384 -13.54 3.50 -32.22
C ALA A 384 -12.13 2.95 -32.04
N LYS A 385 -11.13 3.74 -32.42
CA LYS A 385 -9.74 3.31 -32.26
C LYS A 385 -9.36 3.19 -30.77
N PHE A 386 -9.81 4.15 -29.95
CA PHE A 386 -9.65 4.05 -28.51
C PHE A 386 -10.33 2.77 -27.98
N PHE A 387 -11.51 2.46 -28.52
CA PHE A 387 -12.21 1.25 -28.11
C PHE A 387 -11.43 0.00 -28.49
N GLU A 388 -10.89 -0.03 -29.71
CA GLU A 388 -10.04 -1.15 -30.10
C GLU A 388 -8.84 -1.28 -29.19
N ASP A 389 -8.18 -0.17 -28.88
CA ASP A 389 -6.95 -0.26 -28.11
C ASP A 389 -7.21 -0.51 -26.63
N TYR A 390 -8.17 0.20 -26.05
CA TYR A 390 -8.44 0.13 -24.62
C TYR A 390 -9.69 -0.68 -24.25
N GLY A 391 -10.38 -1.28 -25.21
CA GLY A 391 -11.55 -2.07 -24.88
C GLY A 391 -11.32 -3.18 -23.86
N LEU A 392 -10.13 -3.80 -23.85
CA LEU A 392 -9.91 -4.90 -22.92
C LEU A 392 -10.14 -4.45 -21.48
N PHE A 393 -9.79 -3.19 -21.16
CA PHE A 393 -9.96 -2.69 -19.79
C PHE A 393 -11.43 -2.58 -19.41
N MET A 394 -12.31 -2.24 -20.35
CA MET A 394 -13.71 -2.12 -19.92
C MET A 394 -14.37 -3.50 -19.82
N ARG A 395 -13.94 -4.45 -20.66
CA ARG A 395 -14.38 -5.81 -20.49
C ARG A 395 -13.98 -6.33 -19.11
N GLU A 396 -12.75 -6.06 -18.68
CA GLU A 396 -12.31 -6.54 -17.37
C GLU A 396 -13.12 -5.90 -16.24
N GLY A 397 -13.32 -4.58 -16.28
CA GLY A 397 -14.11 -3.93 -15.25
C GLY A 397 -15.56 -4.40 -15.21
N ILE A 398 -16.07 -4.90 -16.33
CA ILE A 398 -17.44 -5.40 -16.36
C ILE A 398 -17.52 -6.79 -15.73
N VAL A 399 -16.52 -7.63 -16.02
CA VAL A 399 -16.44 -8.94 -15.40
C VAL A 399 -16.30 -8.80 -13.88
N THR A 400 -15.35 -7.99 -13.41
CA THR A 400 -15.03 -7.96 -12.00
C THR A 400 -15.93 -7.03 -11.18
N ALA A 401 -16.74 -6.20 -11.80
CA ALA A 401 -17.60 -5.30 -11.03
C ALA A 401 -18.58 -6.07 -10.17
N THR A 402 -18.80 -5.56 -8.95
CA THR A 402 -19.78 -6.13 -8.04
C THR A 402 -21.21 -5.70 -8.40
N GLU A 403 -21.43 -4.41 -8.65
CA GLU A 403 -22.78 -3.90 -8.82
C GLU A 403 -23.21 -3.93 -10.29
N GLN A 404 -24.44 -4.37 -10.52
CA GLN A 404 -24.96 -4.43 -11.88
C GLN A 404 -24.95 -3.07 -12.55
N GLU A 405 -25.29 -2.00 -11.82
CA GLU A 405 -25.35 -0.71 -12.47
C GLU A 405 -23.97 -0.21 -12.86
N VAL A 406 -22.92 -0.56 -12.09
CA VAL A 406 -21.56 -0.27 -12.54
C VAL A 406 -21.23 -1.06 -13.80
N LYS A 407 -21.67 -2.33 -13.85
CA LYS A 407 -21.49 -3.13 -15.06
C LYS A 407 -22.15 -2.44 -16.25
N GLU A 408 -23.41 -2.04 -16.08
CA GLU A 408 -24.12 -1.40 -17.18
C GLU A 408 -23.52 -0.04 -17.51
N ASP A 409 -23.04 0.69 -16.50
CA ASP A 409 -22.38 1.97 -16.75
C ASP A 409 -21.14 1.78 -17.63
N ILE A 410 -20.24 0.87 -17.25
CA ILE A 410 -19.07 0.61 -18.07
C ILE A 410 -19.48 0.09 -19.44
N ALA A 411 -20.47 -0.80 -19.47
CA ALA A 411 -20.93 -1.39 -20.71
C ALA A 411 -21.46 -0.36 -21.70
N LYS A 412 -21.89 0.82 -21.22
CA LYS A 412 -22.24 1.89 -22.15
C LYS A 412 -21.11 2.24 -23.09
N LEU A 413 -19.87 1.90 -22.73
CA LEU A 413 -18.71 2.22 -23.55
C LEU A 413 -18.44 1.17 -24.62
N LEU A 414 -19.05 -0.01 -24.53
CA LEU A 414 -18.77 -1.10 -25.45
C LEU A 414 -19.39 -0.85 -26.83
N ARG A 415 -18.69 -1.32 -27.86
CA ARG A 415 -19.16 -1.25 -29.22
C ARG A 415 -19.17 -2.65 -29.86
N TYR A 416 -20.05 -2.83 -30.84
CA TYR A 416 -20.15 -4.10 -31.57
C TYR A 416 -20.49 -3.81 -33.03
N GLU A 417 -20.33 -4.84 -33.87
CA GLU A 417 -20.97 -4.78 -35.17
C GLU A 417 -22.41 -5.27 -35.04
N SER A 418 -23.16 -5.22 -36.14
CA SER A 418 -24.57 -5.56 -36.07
C SER A 418 -25.03 -6.16 -37.39
N SER A 419 -25.98 -7.08 -37.29
CA SER A 419 -26.62 -7.66 -38.46
C SER A 419 -27.53 -6.66 -39.18
N ALA A 420 -27.89 -5.56 -38.52
CA ALA A 420 -28.72 -4.52 -39.11
C ALA A 420 -27.91 -3.35 -39.69
N LEU A 421 -26.58 -3.43 -39.68
CA LEU A 421 -25.69 -2.36 -40.10
C LEU A 421 -24.69 -2.85 -41.14
N PRO A 422 -24.16 -1.95 -41.98
CA PRO A 422 -23.12 -2.35 -42.93
C PRO A 422 -21.85 -2.79 -42.22
N SER A 423 -21.12 -3.70 -42.88
CA SER A 423 -19.95 -4.30 -42.27
C SER A 423 -18.91 -3.23 -41.88
N GLY A 424 -18.47 -3.30 -40.64
CA GLY A 424 -17.50 -2.37 -40.10
C GLY A 424 -18.09 -1.27 -39.25
N GLN A 425 -19.38 -0.96 -39.41
CA GLN A 425 -19.99 0.09 -38.61
C GLN A 425 -20.25 -0.41 -37.20
N LEU A 426 -19.94 0.43 -36.21
CA LEU A 426 -20.15 0.01 -34.84
C LEU A 426 -21.52 0.42 -34.33
N THR A 427 -21.86 -0.05 -33.14
CA THR A 427 -23.10 0.26 -32.45
C THR A 427 -22.85 0.15 -30.96
N SER A 428 -23.58 0.93 -30.17
CA SER A 428 -23.58 0.69 -28.74
C SER A 428 -24.74 -0.25 -28.39
N LEU A 429 -24.83 -0.61 -27.11
CA LEU A 429 -25.98 -1.38 -26.65
C LEU A 429 -27.24 -0.53 -26.61
N SER A 430 -27.08 0.77 -26.32
CA SER A 430 -28.19 1.72 -26.31
C SER A 430 -28.83 1.86 -27.69
N GLU A 431 -28.00 1.87 -28.75
CA GLU A 431 -28.53 2.08 -30.09
C GLU A 431 -29.22 0.83 -30.63
N TYR A 432 -28.76 -0.36 -30.22
CA TYR A 432 -29.54 -1.57 -30.50
C TYR A 432 -30.86 -1.55 -29.73
N ALA A 433 -30.80 -1.19 -28.45
CA ALA A 433 -32.03 -1.09 -27.66
C ALA A 433 -33.06 -0.18 -28.32
N SER A 434 -32.61 0.99 -28.82
CA SER A 434 -33.54 1.95 -29.42
C SER A 434 -34.11 1.49 -30.76
N ARG A 435 -33.48 0.53 -31.45
CA ARG A 435 -34.09 -0.12 -32.60
C ARG A 435 -34.93 -1.34 -32.26
N MET A 436 -35.04 -1.70 -30.98
CA MET A 436 -35.82 -2.89 -30.64
C MET A 436 -37.29 -2.63 -30.92
N ARG A 437 -37.96 -3.60 -31.52
CA ARG A 437 -39.34 -3.37 -31.93
C ARG A 437 -40.24 -3.33 -30.71
N ALA A 438 -41.53 -3.08 -30.95
CA ALA A 438 -42.46 -2.85 -29.85
C ALA A 438 -42.63 -4.10 -29.00
N GLY A 439 -42.90 -5.22 -29.65
CA GLY A 439 -43.20 -6.43 -28.91
C GLY A 439 -41.99 -7.28 -28.60
N THR A 440 -40.80 -6.71 -28.60
CA THR A 440 -39.59 -7.50 -28.42
C THR A 440 -39.04 -7.36 -27.00
N ARG A 441 -38.01 -8.16 -26.72
CA ARG A 441 -37.68 -8.57 -25.37
C ARG A 441 -36.21 -8.39 -24.98
N ASN A 442 -35.31 -9.05 -25.71
CA ASN A 442 -33.92 -9.27 -25.33
C ASN A 442 -32.96 -8.67 -26.35
N ILE A 443 -31.70 -8.56 -25.94
CA ILE A 443 -30.61 -8.21 -26.83
C ILE A 443 -29.91 -9.50 -27.22
N TYR A 444 -29.84 -9.77 -28.52
CA TYR A 444 -29.26 -11.00 -29.05
C TYR A 444 -27.89 -10.72 -29.64
N TYR A 445 -26.96 -11.62 -29.39
CA TYR A 445 -25.57 -11.43 -29.78
C TYR A 445 -24.97 -12.73 -30.29
N LEU A 446 -23.98 -12.57 -31.16
CA LEU A 446 -23.21 -13.70 -31.67
C LEU A 446 -21.74 -13.31 -31.70
N CYS A 447 -20.90 -14.13 -31.06
CA CYS A 447 -19.45 -13.92 -31.03
C CYS A 447 -18.82 -14.82 -32.09
N ALA A 448 -18.09 -14.21 -33.01
CA ALA A 448 -17.35 -14.93 -34.03
C ALA A 448 -16.05 -14.20 -34.28
N PRO A 449 -15.07 -14.85 -34.91
CA PRO A 449 -13.80 -14.16 -35.23
C PRO A 449 -13.92 -12.98 -36.19
N ASN A 450 -14.96 -12.91 -37.02
CA ASN A 450 -15.11 -11.81 -37.97
C ASN A 450 -16.53 -11.86 -38.54
N ARG A 451 -16.85 -10.91 -39.42
CA ARG A 451 -18.23 -10.80 -39.89
C ARG A 451 -18.59 -11.93 -40.85
N HIS A 452 -17.63 -12.43 -41.62
CA HIS A 452 -17.92 -13.51 -42.56
C HIS A 452 -18.38 -14.76 -41.84
N LEU A 453 -17.66 -15.15 -40.78
CA LEU A 453 -18.07 -16.30 -40.00
C LEU A 453 -19.37 -16.05 -39.25
N ALA A 454 -19.57 -14.83 -38.74
CA ALA A 454 -20.82 -14.54 -38.04
C ALA A 454 -22.03 -14.62 -38.96
N GLU A 455 -21.86 -14.25 -40.23
CA GLU A 455 -23.00 -14.27 -41.14
C GLU A 455 -23.30 -15.68 -41.66
N HIS A 456 -22.27 -16.51 -41.82
CA HIS A 456 -22.43 -17.89 -42.26
C HIS A 456 -22.52 -18.88 -41.09
N SER A 457 -22.55 -18.39 -39.86
CA SER A 457 -22.71 -19.27 -38.69
C SER A 457 -23.99 -20.08 -38.81
N PRO A 458 -23.98 -21.37 -38.43
CA PRO A 458 -25.24 -22.15 -38.49
C PRO A 458 -26.35 -21.54 -37.67
N TYR A 459 -26.03 -21.07 -36.46
CA TYR A 459 -27.04 -20.48 -35.60
C TYR A 459 -27.56 -19.15 -36.12
N TYR A 460 -26.83 -18.48 -37.02
CA TYR A 460 -27.34 -17.23 -37.59
C TYR A 460 -28.35 -17.48 -38.69
N GLU A 461 -28.12 -18.47 -39.57
CA GLU A 461 -29.08 -18.80 -40.61
C GLU A 461 -30.44 -19.16 -40.02
N ALA A 462 -30.45 -19.99 -38.98
CA ALA A 462 -31.69 -20.32 -38.28
C ALA A 462 -32.32 -19.09 -37.64
N MET A 463 -31.59 -17.99 -37.55
CA MET A 463 -32.06 -16.75 -36.96
C MET A 463 -32.54 -15.75 -38.01
N LYS A 464 -31.64 -15.34 -38.91
CA LYS A 464 -31.89 -14.24 -39.84
C LYS A 464 -33.21 -14.34 -40.57
N LYS A 465 -33.77 -15.55 -40.72
CA LYS A 465 -35.14 -15.67 -41.19
C LYS A 465 -36.10 -14.81 -40.38
N LYS A 466 -35.85 -14.64 -39.08
CA LYS A 466 -36.67 -13.76 -38.26
C LYS A 466 -36.33 -12.30 -38.54
N ASP A 467 -37.00 -11.39 -37.84
CA ASP A 467 -36.81 -9.96 -38.01
C ASP A 467 -35.82 -9.37 -37.00
N THR A 468 -35.17 -10.20 -36.19
CA THR A 468 -34.43 -9.74 -35.01
C THR A 468 -32.99 -9.35 -35.35
N GLU A 469 -32.51 -8.31 -34.67
CA GLU A 469 -31.13 -7.83 -34.79
C GLU A 469 -30.21 -8.56 -33.83
N VAL A 470 -29.00 -8.85 -34.29
CA VAL A 470 -28.02 -9.56 -33.48
C VAL A 470 -26.67 -8.86 -33.60
N LEU A 471 -26.06 -8.57 -32.45
CA LEU A 471 -24.72 -8.00 -32.41
C LEU A 471 -23.69 -9.04 -32.83
N PHE A 472 -22.64 -8.56 -33.51
CA PHE A 472 -21.51 -9.40 -33.90
C PHE A 472 -20.30 -8.94 -33.10
N CYS A 473 -19.76 -9.81 -32.26
CA CYS A 473 -18.71 -9.47 -31.31
CA CYS A 473 -18.71 -9.47 -31.31
C CYS A 473 -17.45 -10.24 -31.68
N PHE A 474 -16.45 -9.50 -32.18
CA PHE A 474 -15.19 -10.08 -32.65
C PHE A 474 -14.04 -9.97 -31.68
N GLU A 475 -14.20 -9.31 -30.53
CA GLU A 475 -13.06 -9.05 -29.67
C GLU A 475 -12.82 -10.19 -28.67
N GLN A 476 -11.54 -10.39 -28.36
CA GLN A 476 -11.13 -11.27 -27.28
C GLN A 476 -11.84 -10.92 -25.98
N PHE A 477 -12.39 -11.95 -25.33
CA PHE A 477 -13.21 -11.92 -24.11
C PHE A 477 -14.55 -11.22 -24.29
N ASP A 478 -15.07 -11.08 -25.52
CA ASP A 478 -16.41 -10.52 -25.68
C ASP A 478 -17.45 -11.43 -25.05
N GLU A 479 -17.33 -12.74 -25.30
CA GLU A 479 -18.28 -13.71 -24.76
C GLU A 479 -18.30 -13.68 -23.23
N LEU A 480 -17.12 -13.89 -22.60
CA LEU A 480 -17.02 -13.81 -21.15
C LEU A 480 -17.63 -12.53 -20.62
N THR A 481 -17.35 -11.39 -21.28
CA THR A 481 -17.88 -10.10 -20.84
C THR A 481 -19.40 -10.07 -20.86
N LEU A 482 -20.00 -10.50 -21.97
CA LEU A 482 -21.45 -10.48 -22.07
C LEU A 482 -22.10 -11.46 -21.11
N LEU A 483 -21.43 -12.58 -20.81
CA LEU A 483 -21.95 -13.53 -19.83
C LEU A 483 -21.97 -12.97 -18.42
N HIS A 484 -20.99 -12.15 -18.06
CA HIS A 484 -21.02 -11.53 -16.73
C HIS A 484 -21.97 -10.34 -16.66
N LEU A 485 -22.14 -9.60 -17.75
CA LEU A 485 -23.08 -8.49 -17.76
C LEU A 485 -24.51 -8.97 -17.53
N ARG A 486 -24.95 -9.94 -18.34
CA ARG A 486 -26.19 -10.73 -18.27
C ARG A 486 -27.42 -9.93 -18.67
N GLU A 487 -27.33 -8.62 -18.52
CA GLU A 487 -28.49 -7.76 -18.67
C GLU A 487 -27.96 -6.39 -19.03
N PHE A 488 -28.70 -5.67 -19.85
CA PHE A 488 -28.43 -4.26 -20.07
C PHE A 488 -29.73 -3.52 -20.20
N ASP A 489 -29.90 -2.47 -19.40
CA ASP A 489 -31.15 -1.71 -19.36
C ASP A 489 -32.35 -2.65 -19.20
N LYS A 490 -32.19 -3.62 -18.31
CA LYS A 490 -33.21 -4.60 -17.94
C LYS A 490 -33.69 -5.44 -19.12
N LYS A 491 -32.88 -5.54 -20.17
CA LYS A 491 -33.12 -6.45 -21.30
C LYS A 491 -32.00 -7.50 -21.29
N LYS A 492 -32.38 -8.76 -21.29
CA LYS A 492 -31.39 -9.81 -21.07
C LYS A 492 -30.58 -10.06 -22.33
N LEU A 493 -29.32 -10.44 -22.12
CA LEU A 493 -28.34 -10.65 -23.17
C LEU A 493 -28.28 -12.14 -23.47
N ILE A 494 -28.72 -12.50 -24.68
CA ILE A 494 -28.90 -13.89 -25.06
C ILE A 494 -28.01 -14.17 -26.25
N SER A 495 -27.09 -15.11 -26.09
CA SER A 495 -26.31 -15.57 -27.21
C SER A 495 -27.20 -16.34 -28.17
N VAL A 496 -26.82 -16.33 -29.45
CA VAL A 496 -27.40 -17.25 -30.40
C VAL A 496 -26.68 -18.60 -30.37
N GLU A 497 -25.70 -18.74 -29.47
CA GLU A 497 -25.02 -20.01 -29.19
C GLU A 497 -24.24 -20.50 -30.41
N PRO B 16 22.33 30.39 -15.29
CA PRO B 16 22.63 31.41 -14.29
C PRO B 16 22.42 30.90 -12.86
N LEU B 17 23.49 30.38 -12.25
CA LEU B 17 23.40 29.77 -10.93
C LEU B 17 23.26 30.83 -9.84
N HIS B 18 22.24 30.67 -8.99
CA HIS B 18 21.81 31.66 -8.00
C HIS B 18 21.75 30.98 -6.64
N SER B 19 22.51 31.48 -5.67
CA SER B 19 22.54 30.86 -4.35
C SER B 19 22.66 31.91 -3.25
N ILE B 20 21.89 31.74 -2.17
CA ILE B 20 21.97 32.58 -0.98
C ILE B 20 22.76 31.93 0.18
N ILE B 21 23.22 30.68 0.07
CA ILE B 21 23.70 29.92 1.22
C ILE B 21 25.19 30.11 1.41
N SER B 22 25.59 30.57 2.59
CA SER B 22 26.99 30.69 2.98
C SER B 22 27.03 30.71 4.50
N SER B 23 28.21 30.47 5.09
CA SER B 23 28.22 30.43 6.55
C SER B 23 28.52 31.84 7.01
N THR B 24 27.46 32.53 7.42
CA THR B 24 27.46 33.78 8.18
C THR B 24 27.50 33.55 9.67
N GLU B 25 26.79 32.53 10.13
CA GLU B 25 26.30 32.49 11.49
C GLU B 25 27.43 32.28 12.48
N SER B 26 27.45 33.12 13.51
CA SER B 26 28.39 33.02 14.61
C SER B 26 27.56 33.04 15.89
N VAL B 27 27.56 31.93 16.64
CA VAL B 27 26.77 31.93 17.86
C VAL B 27 27.47 32.83 18.87
N GLN B 28 26.76 33.86 19.31
CA GLN B 28 27.27 34.85 20.26
C GLN B 28 26.34 34.82 21.46
N GLY B 29 26.85 34.35 22.58
CA GLY B 29 26.06 34.39 23.80
C GLY B 29 26.36 33.17 24.64
N SER B 30 25.46 32.94 25.59
CA SER B 30 25.45 31.72 26.38
C SER B 30 24.32 30.85 25.88
N THR B 31 24.54 29.53 25.85
CA THR B 31 23.48 28.67 25.40
C THR B 31 22.53 28.36 26.57
N SER B 32 21.46 27.64 26.27
CA SER B 32 20.55 27.15 27.30
C SER B 32 19.96 25.85 26.80
N LYS B 33 19.76 24.92 27.71
CA LYS B 33 19.33 23.58 27.36
C LYS B 33 17.85 23.41 27.70
N HIS B 34 17.14 22.65 26.88
CA HIS B 34 15.72 22.45 27.06
C HIS B 34 15.40 20.98 26.80
N GLU B 35 14.27 20.54 27.35
CA GLU B 35 13.74 19.22 27.03
C GLU B 35 12.59 19.35 26.03
N PHE B 36 12.59 18.46 25.04
CA PHE B 36 11.42 18.35 24.18
C PHE B 36 10.17 18.09 25.00
N GLN B 37 9.09 18.78 24.65
CA GLN B 37 7.76 18.59 25.22
C GLN B 37 6.88 17.88 24.21
N ALA B 38 5.60 17.73 24.55
CA ALA B 38 4.63 17.17 23.63
C ALA B 38 3.26 17.75 23.92
N GLU B 39 2.41 17.76 22.91
CA GLU B 39 1.02 18.20 23.04
C GLU B 39 0.19 16.92 23.10
N THR B 40 -0.27 16.57 24.30
CA THR B 40 -0.77 15.22 24.51
C THR B 40 -2.15 15.03 23.90
N LYS B 41 -3.03 16.01 24.12
CA LYS B 41 -4.38 15.96 23.56
C LYS B 41 -4.34 15.82 22.05
N LYS B 42 -3.36 16.45 21.42
CA LYS B 42 -3.24 16.36 19.97
C LYS B 42 -2.68 15.00 19.54
N LEU B 43 -1.62 14.53 20.22
CA LEU B 43 -1.08 13.20 19.93
C LEU B 43 -2.18 12.14 20.00
N LEU B 44 -3.07 12.24 20.98
CA LEU B 44 -4.23 11.35 21.02
C LEU B 44 -5.09 11.47 19.75
N ASP B 45 -5.36 12.69 19.32
CA ASP B 45 -6.17 12.86 18.12
C ASP B 45 -5.46 12.34 16.86
N ILE B 46 -4.13 12.48 16.80
CA ILE B 46 -3.41 11.89 15.69
C ILE B 46 -3.70 10.39 15.62
N VAL B 47 -3.70 9.72 16.79
CA VAL B 47 -3.98 8.29 16.85
C VAL B 47 -5.40 7.99 16.37
N ALA B 48 -6.38 8.75 16.87
CA ALA B 48 -7.78 8.53 16.52
C ALA B 48 -8.10 8.85 15.04
N ARG B 49 -7.40 9.79 14.44
CA ARG B 49 -7.77 10.35 13.14
C ARG B 49 -6.81 9.93 12.04
N SER B 50 -5.53 10.21 12.21
CA SER B 50 -4.56 10.20 11.14
C SER B 50 -3.66 8.97 11.08
N LEU B 51 -3.84 7.97 11.95
CA LEU B 51 -2.90 6.84 12.01
C LEU B 51 -3.40 5.61 11.26
N TYR B 52 -4.51 5.06 11.67
CA TYR B 52 -4.98 3.79 11.13
C TYR B 52 -5.79 3.95 9.86
N SER B 53 -5.66 2.98 8.96
CA SER B 53 -6.40 3.02 7.71
C SER B 53 -7.86 2.65 7.90
N GLU B 54 -8.21 2.02 9.02
CA GLU B 54 -9.56 1.53 9.28
C GLU B 54 -9.87 1.63 10.77
N LYS B 55 -11.13 1.98 11.10
CA LYS B 55 -11.51 2.09 12.49
C LYS B 55 -11.51 0.74 13.21
N GLU B 56 -11.66 -0.36 12.47
CA GLU B 56 -11.85 -1.67 13.09
C GLU B 56 -10.60 -2.15 13.82
N VAL B 57 -9.41 -1.67 13.45
CA VAL B 57 -8.22 -2.25 14.04
C VAL B 57 -8.10 -2.00 15.54
N PHE B 58 -8.98 -1.18 16.12
CA PHE B 58 -8.96 -1.05 17.58
C PHE B 58 -9.24 -2.38 18.26
N ILE B 59 -10.01 -3.24 17.60
CA ILE B 59 -10.21 -4.58 18.13
C ILE B 59 -8.91 -5.38 18.10
N ARG B 60 -8.16 -5.29 17.00
CA ARG B 60 -6.87 -5.96 16.95
C ARG B 60 -5.94 -5.45 18.05
N GLU B 61 -6.01 -4.15 18.33
CA GLU B 61 -5.09 -3.60 19.32
C GLU B 61 -5.46 -4.05 20.74
N LEU B 62 -6.74 -4.04 21.08
CA LEU B 62 -7.15 -4.44 22.43
C LEU B 62 -6.97 -5.94 22.65
N ILE B 63 -7.21 -6.77 21.64
CA ILE B 63 -6.99 -8.21 21.79
C ILE B 63 -5.51 -8.48 21.99
N SER B 64 -4.66 -7.75 21.26
CA SER B 64 -3.22 -7.91 21.44
C SER B 64 -2.79 -7.55 22.86
N ASN B 65 -3.40 -6.50 23.42
CA ASN B 65 -3.08 -6.15 24.79
C ASN B 65 -3.53 -7.24 25.75
N ALA B 66 -4.71 -7.83 25.50
CA ALA B 66 -5.21 -8.91 26.33
C ALA B 66 -4.27 -10.12 26.27
N SER B 67 -3.85 -10.49 25.05
CA SER B 67 -2.84 -11.53 24.87
C SER B 67 -1.55 -11.23 25.63
N ASP B 68 -1.04 -10.00 25.52
CA ASP B 68 0.19 -9.63 26.24
C ASP B 68 0.00 -9.76 27.75
N ALA B 69 -1.15 -9.32 28.26
CA ALA B 69 -1.40 -9.36 29.70
C ALA B 69 -1.43 -10.79 30.22
N LEU B 70 -2.05 -11.71 29.46
CA LEU B 70 -2.03 -13.13 29.83
C LEU B 70 -0.63 -13.72 29.71
N GLU B 71 0.09 -13.37 28.65
CA GLU B 71 1.45 -13.85 28.48
C GLU B 71 2.34 -13.46 29.66
N LYS B 72 2.20 -12.23 30.16
CA LYS B 72 2.95 -11.81 31.34
C LYS B 72 2.54 -12.62 32.57
N LEU B 73 1.24 -12.86 32.74
CA LEU B 73 0.79 -13.62 33.90
C LEU B 73 1.30 -15.04 33.82
N ARG B 74 1.25 -15.64 32.62
CA ARG B 74 1.78 -16.99 32.47
C ARG B 74 3.26 -17.03 32.80
N HIS B 75 4.01 -15.99 32.44
CA HIS B 75 5.44 -16.00 32.69
C HIS B 75 5.74 -15.96 34.19
N LYS B 76 5.02 -15.11 34.92
CA LYS B 76 5.16 -15.01 36.37
C LYS B 76 4.82 -16.33 37.06
N LEU B 77 3.62 -16.87 36.78
CA LEU B 77 3.14 -18.04 37.51
C LEU B 77 4.00 -19.28 37.23
N VAL B 78 4.40 -19.50 35.98
CA VAL B 78 5.29 -20.62 35.67
C VAL B 78 6.64 -20.44 36.36
N SER B 79 7.12 -19.19 36.47
CA SER B 79 8.41 -18.99 37.12
C SER B 79 8.31 -19.18 38.63
N ASP B 80 7.13 -18.95 39.21
CA ASP B 80 6.90 -19.07 40.63
C ASP B 80 6.30 -20.41 41.06
N GLY B 81 6.04 -21.33 40.12
CA GLY B 81 5.44 -22.61 40.46
C GLY B 81 3.99 -22.56 40.91
N GLN B 82 3.26 -21.46 40.66
CA GLN B 82 1.81 -21.41 40.89
C GLN B 82 1.06 -22.01 39.71
N ALA B 83 -0.16 -22.47 40.00
CA ALA B 83 -1.04 -23.05 38.97
C ALA B 83 -1.69 -21.94 38.15
N LEU B 84 -1.85 -22.18 36.86
CA LEU B 84 -2.48 -21.19 35.99
C LEU B 84 -3.99 -21.22 36.19
N PRO B 85 -4.63 -20.09 36.36
CA PRO B 85 -6.10 -20.04 36.39
C PRO B 85 -6.69 -20.09 34.99
N GLU B 86 -8.00 -19.89 34.86
CA GLU B 86 -8.58 -19.65 33.53
C GLU B 86 -7.82 -18.52 32.86
N MET B 87 -7.30 -18.78 31.66
CA MET B 87 -6.60 -17.77 30.87
C MET B 87 -7.42 -17.50 29.63
N GLU B 88 -8.11 -16.37 29.59
CA GLU B 88 -9.15 -16.24 28.56
C GLU B 88 -9.33 -14.78 28.19
N ILE B 89 -9.80 -14.57 26.95
CA ILE B 89 -10.16 -13.26 26.43
C ILE B 89 -11.62 -13.30 26.02
N HIS B 90 -12.41 -12.36 26.53
CA HIS B 90 -13.84 -12.34 26.28
C HIS B 90 -14.26 -11.02 25.67
N LEU B 91 -15.14 -11.12 24.66
CA LEU B 91 -15.72 -9.98 23.98
C LEU B 91 -17.24 -9.98 24.14
N GLN B 92 -17.80 -8.83 24.47
CA GLN B 92 -19.24 -8.72 24.61
C GLN B 92 -19.73 -7.50 23.84
N THR B 93 -20.68 -7.72 22.92
CA THR B 93 -21.35 -6.62 22.24
C THR B 93 -22.72 -6.46 22.87
N ASN B 94 -23.04 -5.24 23.28
CA ASN B 94 -24.39 -4.91 23.71
C ASN B 94 -24.94 -3.88 22.72
N ALA B 95 -25.88 -4.31 21.87
CA ALA B 95 -26.40 -3.39 20.87
C ALA B 95 -27.32 -2.36 21.52
N GLU B 96 -28.12 -2.80 22.50
CA GLU B 96 -28.98 -1.89 23.24
C GLU B 96 -28.17 -0.75 23.85
N LYS B 97 -27.17 -1.08 24.66
CA LYS B 97 -26.36 -0.05 25.29
C LYS B 97 -25.38 0.62 24.33
N GLY B 98 -25.25 0.14 23.10
CA GLY B 98 -24.28 0.69 22.16
C GLY B 98 -22.82 0.49 22.56
N THR B 99 -22.48 -0.64 23.18
CA THR B 99 -21.14 -0.84 23.72
C THR B 99 -20.49 -2.08 23.12
N ILE B 100 -19.16 -2.07 23.14
CA ILE B 100 -18.36 -3.27 22.97
C ILE B 100 -17.45 -3.35 24.19
N THR B 101 -17.21 -4.57 24.68
CA THR B 101 -16.46 -4.79 25.90
C THR B 101 -15.50 -5.94 25.72
N ILE B 102 -14.23 -5.74 26.12
CA ILE B 102 -13.24 -6.80 26.14
C ILE B 102 -12.76 -6.97 27.57
N GLN B 103 -12.59 -8.22 27.99
CA GLN B 103 -12.11 -8.53 29.33
C GLN B 103 -11.13 -9.69 29.23
N ASP B 104 -10.05 -9.59 29.99
CA ASP B 104 -9.04 -10.63 30.06
C ASP B 104 -8.74 -10.96 31.52
N THR B 105 -8.26 -12.19 31.73
CA THR B 105 -7.85 -12.75 33.03
C THR B 105 -6.34 -12.61 33.31
N GLY B 106 -5.60 -11.82 32.54
CA GLY B 106 -4.17 -11.60 32.75
C GLY B 106 -3.72 -10.71 33.90
N ILE B 107 -2.49 -10.17 33.85
CA ILE B 107 -1.85 -9.59 35.05
C ILE B 107 -2.58 -8.40 35.62
N GLY B 108 -3.48 -7.78 34.85
CA GLY B 108 -4.11 -6.57 35.36
C GLY B 108 -3.07 -5.48 35.62
N MET B 109 -3.51 -4.47 36.36
CA MET B 109 -2.73 -3.26 36.56
C MET B 109 -2.99 -2.74 37.95
N THR B 110 -1.92 -2.35 38.64
CA THR B 110 -2.11 -1.59 39.86
C THR B 110 -2.59 -0.18 39.54
N GLN B 111 -2.89 0.59 40.59
CA GLN B 111 -3.29 1.96 40.35
C GLN B 111 -2.15 2.75 39.70
N GLU B 112 -0.91 2.50 40.15
CA GLU B 112 0.22 3.19 39.54
C GLU B 112 0.42 2.75 38.10
N GLU B 113 0.06 1.51 37.77
CA GLU B 113 0.24 1.02 36.41
C GLU B 113 -0.84 1.59 35.48
N LEU B 114 -2.08 1.72 35.95
CA LEU B 114 -3.09 2.41 35.18
C LEU B 114 -2.64 3.82 34.85
N VAL B 115 -2.23 4.57 35.88
CA VAL B 115 -1.79 5.94 35.66
C VAL B 115 -0.67 5.99 34.64
N SER B 116 0.39 5.22 34.86
CA SER B 116 1.56 5.32 34.00
C SER B 116 1.32 4.69 32.63
N ASN B 117 0.84 3.45 32.58
CA ASN B 117 0.83 2.73 31.29
C ASN B 117 -0.30 3.18 30.38
N LEU B 118 -1.48 3.53 30.92
CA LEU B 118 -2.54 4.12 30.11
C LEU B 118 -2.36 5.62 29.94
N GLY B 119 -1.87 6.29 30.97
CA GLY B 119 -1.82 7.74 30.97
C GLY B 119 -0.58 8.37 30.38
N THR B 120 0.45 7.61 30.07
CA THR B 120 1.64 8.17 29.44
C THR B 120 1.75 7.64 28.01
N ILE B 121 1.72 8.57 27.05
CA ILE B 121 1.75 8.21 25.65
C ILE B 121 3.13 7.69 25.27
N ALA B 122 3.16 6.57 24.56
CA ALA B 122 4.32 5.82 24.08
C ALA B 122 4.95 5.01 25.21
N ARG B 123 4.46 5.11 26.46
CA ARG B 123 4.90 4.22 27.54
C ARG B 123 4.38 2.80 27.30
N SER B 124 5.31 1.86 27.23
CA SER B 124 4.96 0.46 26.97
C SER B 124 5.44 -0.37 28.14
N GLY B 125 4.50 -0.87 28.94
CA GLY B 125 4.87 -1.81 29.99
C GLY B 125 5.38 -3.12 29.41
N SER B 126 4.84 -3.53 28.27
CA SER B 126 5.19 -4.81 27.68
C SER B 126 6.58 -4.77 27.05
N LYS B 127 6.94 -3.63 26.46
CA LYS B 127 8.33 -3.48 26.01
C LYS B 127 9.28 -3.50 27.20
N ALA B 128 8.89 -2.87 28.31
CA ALA B 128 9.75 -2.84 29.48
C ALA B 128 9.90 -4.22 30.07
N PHE B 129 8.80 -4.99 30.06
CA PHE B 129 8.84 -6.39 30.44
C PHE B 129 9.81 -7.18 29.56
N LEU B 130 9.72 -6.97 28.24
CA LEU B 130 10.64 -7.63 27.30
C LEU B 130 12.09 -7.30 27.61
N ASP B 131 12.42 -6.01 27.76
CA ASP B 131 13.80 -5.63 28.06
C ASP B 131 14.30 -6.23 29.37
N ALA B 132 13.43 -6.35 30.37
CA ALA B 132 13.89 -6.90 31.65
C ALA B 132 14.22 -8.39 31.59
N LEU B 133 13.74 -9.12 30.59
CA LEU B 133 14.03 -10.55 30.51
C LEU B 133 15.45 -10.88 30.07
N GLN B 134 16.12 -9.95 29.38
CA GLN B 134 17.28 -10.26 28.54
C GLN B 134 16.90 -11.25 27.44
N ASN B 135 15.61 -11.23 27.07
CA ASN B 135 15.01 -12.07 26.02
C ASN B 135 15.42 -13.54 26.19
N GLN B 136 15.60 -13.97 27.42
CA GLN B 136 16.01 -15.33 27.73
C GLN B 136 14.83 -16.25 28.03
N ALA B 137 13.62 -15.73 28.01
CA ALA B 137 12.42 -16.48 28.32
C ALA B 137 11.60 -16.78 27.06
N GLU B 138 10.51 -17.54 27.27
CA GLU B 138 9.67 -18.03 26.19
C GLU B 138 8.74 -16.96 25.66
N ALA B 139 8.27 -16.08 26.55
CA ALA B 139 7.41 -14.97 26.17
C ALA B 139 8.13 -13.89 25.36
N SER B 140 9.47 -13.92 25.33
CA SER B 140 10.21 -12.90 24.58
C SER B 140 9.70 -12.75 23.15
N SER B 141 9.38 -13.86 22.48
CA SER B 141 8.87 -13.77 21.12
C SER B 141 7.33 -13.83 21.01
N LYS B 142 6.61 -13.94 22.11
CA LYS B 142 5.15 -13.91 22.07
C LYS B 142 4.54 -12.54 22.40
N ILE B 143 5.33 -11.57 22.83
CA ILE B 143 4.79 -10.30 23.30
C ILE B 143 4.65 -9.38 22.10
N ILE B 144 3.44 -8.86 21.88
CA ILE B 144 3.14 -8.06 20.70
C ILE B 144 3.52 -6.57 20.85
N GLY B 145 3.23 -5.93 21.99
CA GLY B 145 3.33 -4.47 22.07
C GLY B 145 4.78 -3.97 22.20
N GLN B 146 5.05 -2.86 21.51
CA GLN B 146 6.28 -2.08 21.55
C GLN B 146 6.00 -0.58 21.72
N PHE B 147 5.20 0.00 20.80
CA PHE B 147 5.11 1.45 20.63
C PHE B 147 4.49 2.17 21.83
N GLY B 148 3.55 1.55 22.52
CA GLY B 148 2.87 2.23 23.60
C GLY B 148 1.70 3.10 23.20
N VAL B 149 1.30 3.12 21.93
CA VAL B 149 0.11 3.89 21.51
C VAL B 149 -1.16 3.07 21.27
N GLY B 150 -1.10 1.73 21.36
CA GLY B 150 -2.14 0.91 20.75
C GLY B 150 -3.51 1.07 21.40
N PHE B 151 -3.55 1.18 22.72
CA PHE B 151 -4.79 1.38 23.45
C PHE B 151 -5.55 2.59 22.94
N TYR B 152 -4.84 3.69 22.64
CA TYR B 152 -5.51 4.93 22.21
C TYR B 152 -6.24 4.77 20.89
N SER B 153 -6.06 3.65 20.17
CA SER B 153 -6.89 3.35 18.99
C SER B 153 -8.37 3.28 19.33
N ALA B 154 -8.73 3.02 20.59
CA ALA B 154 -10.13 2.93 20.95
C ALA B 154 -10.85 4.27 20.80
N PHE B 155 -10.11 5.38 20.83
CA PHE B 155 -10.77 6.67 20.72
C PHE B 155 -11.17 6.99 19.29
N MET B 156 -10.79 6.16 18.32
CA MET B 156 -11.43 6.18 17.02
C MET B 156 -12.92 5.95 17.16
N VAL B 157 -13.32 4.87 17.81
CA VAL B 157 -14.71 4.46 17.85
C VAL B 157 -15.44 4.83 19.15
N ALA B 158 -14.76 5.41 20.13
CA ALA B 158 -15.35 5.56 21.46
C ALA B 158 -15.63 7.03 21.81
N ASP B 159 -16.84 7.28 22.32
CA ASP B 159 -17.10 8.53 23.05
C ASP B 159 -16.39 8.52 24.40
N ARG B 160 -16.58 7.43 25.15
CA ARG B 160 -15.99 7.24 26.46
C ARG B 160 -15.33 5.86 26.49
N VAL B 161 -14.24 5.75 27.23
CA VAL B 161 -13.60 4.47 27.49
C VAL B 161 -13.56 4.26 29.00
N GLU B 162 -14.08 3.12 29.44
CA GLU B 162 -14.24 2.81 30.86
C GLU B 162 -13.46 1.53 31.18
N VAL B 163 -12.41 1.66 32.00
CA VAL B 163 -11.49 0.56 32.28
C VAL B 163 -11.65 0.12 33.73
N TYR B 164 -11.81 -1.19 33.93
CA TYR B 164 -11.67 -1.83 35.24
C TYR B 164 -10.48 -2.78 35.20
N SER B 165 -9.62 -2.69 36.20
CA SER B 165 -8.43 -3.52 36.25
C SER B 165 -8.11 -3.87 37.69
N ARG B 166 -7.61 -5.09 37.89
CA ARG B 166 -7.10 -5.53 39.19
C ARG B 166 -5.84 -6.34 38.96
N SER B 167 -4.75 -5.92 39.60
CA SER B 167 -3.46 -6.56 39.41
C SER B 167 -3.40 -7.92 40.11
N ALA B 168 -2.71 -8.88 39.48
CA ALA B 168 -2.50 -10.19 40.09
C ALA B 168 -1.61 -10.14 41.33
N ALA B 169 -0.93 -9.03 41.56
CA ALA B 169 0.00 -8.94 42.69
C ALA B 169 -0.77 -8.98 44.01
N PRO B 170 -0.11 -9.41 45.09
CA PRO B 170 -0.79 -9.50 46.40
C PRO B 170 -1.32 -8.16 46.87
N GLY B 171 -2.46 -8.21 47.55
CA GLY B 171 -3.02 -7.05 48.22
C GLY B 171 -3.64 -6.02 47.32
N SER B 172 -3.72 -6.27 46.02
CA SER B 172 -4.17 -5.23 45.10
C SER B 172 -5.69 -5.26 44.98
N LEU B 173 -6.30 -4.08 44.99
CA LEU B 173 -7.73 -3.94 44.80
C LEU B 173 -8.03 -3.54 43.35
N GLY B 174 -9.31 -3.35 43.06
CA GLY B 174 -9.71 -2.94 41.74
C GLY B 174 -9.79 -1.43 41.58
N TYR B 175 -9.52 -0.96 40.38
CA TYR B 175 -9.59 0.46 40.06
C TYR B 175 -10.35 0.67 38.75
N GLN B 176 -11.02 1.80 38.67
CA GLN B 176 -11.66 2.26 37.46
C GLN B 176 -10.84 3.37 36.83
N TRP B 177 -10.73 3.33 35.51
CA TRP B 177 -10.01 4.33 34.73
C TRP B 177 -10.93 4.84 33.63
N LEU B 178 -11.07 6.16 33.53
CA LEU B 178 -12.11 6.78 32.72
C LEU B 178 -11.54 7.92 31.90
N SER B 179 -11.78 7.90 30.58
CA SER B 179 -11.41 9.04 29.76
C SER B 179 -12.31 9.11 28.52
N ASP B 180 -12.57 10.33 28.07
CA ASP B 180 -13.13 10.59 26.75
C ASP B 180 -12.08 10.96 25.72
N GLY B 181 -10.79 10.95 26.08
CA GLY B 181 -9.74 11.29 25.14
C GLY B 181 -9.38 12.75 25.10
N SER B 182 -9.75 13.52 26.14
CA SER B 182 -9.59 14.96 26.17
C SER B 182 -8.20 15.41 26.59
N GLY B 183 -7.31 14.51 26.94
CA GLY B 183 -6.15 14.92 27.70
C GLY B 183 -6.37 14.90 29.20
N VAL B 184 -7.49 14.37 29.66
CA VAL B 184 -7.71 14.13 31.09
C VAL B 184 -8.35 12.75 31.26
N PHE B 185 -7.88 12.01 32.26
CA PHE B 185 -8.56 10.79 32.67
C PHE B 185 -8.78 10.81 34.18
N GLU B 186 -9.71 9.97 34.63
CA GLU B 186 -10.05 9.85 36.05
C GLU B 186 -9.78 8.43 36.54
N ILE B 187 -9.34 8.33 37.79
CA ILE B 187 -9.02 7.06 38.44
C ILE B 187 -9.73 7.04 39.79
N ALA B 188 -10.32 5.89 40.12
CA ALA B 188 -11.00 5.74 41.38
C ALA B 188 -11.00 4.26 41.76
N GLU B 189 -11.08 3.99 43.06
CA GLU B 189 -11.16 2.60 43.50
C GLU B 189 -12.52 2.01 43.13
N ALA B 190 -12.56 0.69 42.99
CA ALA B 190 -13.73 0.02 42.43
C ALA B 190 -13.82 -1.40 42.96
N SER B 191 -15.04 -1.91 42.96
CA SER B 191 -15.28 -3.29 43.35
C SER B 191 -16.60 -3.78 42.73
N GLY B 192 -16.79 -5.09 42.67
CA GLY B 192 -15.68 -6.02 42.71
C GLY B 192 -15.18 -6.14 41.29
N VAL B 193 -13.87 -6.18 41.16
CA VAL B 193 -13.21 -6.27 39.88
C VAL B 193 -12.47 -7.61 39.87
N ARG B 194 -12.66 -8.37 38.81
CA ARG B 194 -11.92 -9.62 38.67
C ARG B 194 -10.45 -9.32 38.33
N THR B 195 -9.56 -10.18 38.80
CA THR B 195 -8.16 -10.04 38.44
C THR B 195 -8.06 -10.02 36.91
N GLY B 196 -7.16 -9.19 36.39
CA GLY B 196 -7.15 -8.85 34.97
C GLY B 196 -7.81 -7.52 34.68
N THR B 197 -8.19 -7.35 33.41
CA THR B 197 -8.61 -6.05 32.90
C THR B 197 -9.90 -6.17 32.08
N LYS B 198 -10.81 -5.21 32.29
CA LYS B 198 -12.07 -5.14 31.59
C LYS B 198 -12.19 -3.75 30.99
N ILE B 199 -12.34 -3.67 29.67
CA ILE B 199 -12.39 -2.40 28.96
C ILE B 199 -13.78 -2.28 28.34
N ILE B 200 -14.52 -1.26 28.75
CA ILE B 200 -15.85 -0.98 28.20
C ILE B 200 -15.74 0.24 27.29
N ILE B 201 -16.14 0.06 26.05
CA ILE B 201 -16.08 1.10 25.04
C ILE B 201 -17.50 1.56 24.72
N HIS B 202 -17.78 2.83 25.01
CA HIS B 202 -19.08 3.43 24.68
C HIS B 202 -18.94 4.05 23.29
N LEU B 203 -19.63 3.45 22.32
CA LEU B 203 -19.31 3.72 20.93
C LEU B 203 -19.88 5.07 20.50
N LYS B 204 -19.22 5.69 19.51
CA LYS B 204 -19.66 6.97 18.98
C LYS B 204 -20.91 6.78 18.13
N SER B 205 -21.43 7.91 17.63
CA SER B 205 -22.68 7.93 16.85
C SER B 205 -22.56 7.11 15.58
N ASP B 206 -21.51 7.35 14.79
CA ASP B 206 -21.32 6.64 13.54
C ASP B 206 -20.64 5.28 13.70
N CYS B 207 -20.16 4.94 14.90
CA CYS B 207 -19.42 3.71 15.15
C CYS B 207 -20.26 2.57 15.73
N LYS B 208 -21.58 2.73 15.80
CA LYS B 208 -22.43 1.71 16.42
C LYS B 208 -22.36 0.33 15.77
N GLU B 209 -21.79 0.19 14.57
CA GLU B 209 -21.66 -1.14 13.94
C GLU B 209 -20.77 -2.11 14.73
N PHE B 210 -20.00 -1.62 15.70
CA PHE B 210 -19.16 -2.49 16.51
C PHE B 210 -19.88 -3.03 17.74
N SER B 211 -21.16 -2.71 17.91
CA SER B 211 -22.03 -3.42 18.84
C SER B 211 -22.82 -4.52 18.17
N SER B 212 -22.59 -4.77 16.88
CA SER B 212 -23.16 -5.92 16.18
C SER B 212 -22.23 -7.12 16.27
N GLU B 213 -22.76 -8.24 16.81
CA GLU B 213 -21.97 -9.48 16.94
C GLU B 213 -21.39 -9.92 15.60
N ALA B 214 -22.21 -9.94 14.55
CA ALA B 214 -21.72 -10.37 13.24
C ALA B 214 -20.52 -9.52 12.79
N ARG B 215 -20.59 -8.21 12.99
CA ARG B 215 -19.51 -7.34 12.54
C ARG B 215 -18.22 -7.62 13.31
N VAL B 216 -18.31 -7.62 14.65
CA VAL B 216 -17.15 -7.90 15.49
C VAL B 216 -16.53 -9.26 15.16
N ARG B 217 -17.38 -10.27 14.96
CA ARG B 217 -16.94 -11.60 14.57
C ARG B 217 -16.01 -11.56 13.36
N ASP B 218 -16.39 -10.79 12.35
CA ASP B 218 -15.54 -10.68 11.16
C ASP B 218 -14.22 -9.99 11.50
N VAL B 219 -14.24 -9.01 12.40
CA VAL B 219 -13.02 -8.28 12.71
C VAL B 219 -12.06 -9.17 13.47
N VAL B 220 -12.57 -9.92 14.45
CA VAL B 220 -11.76 -10.89 15.17
C VAL B 220 -11.16 -11.91 14.23
N THR B 221 -11.98 -12.44 13.32
CA THR B 221 -11.54 -13.49 12.41
C THR B 221 -10.46 -12.99 11.46
N LYS B 222 -10.53 -11.71 11.10
CA LYS B 222 -9.59 -11.16 10.14
C LYS B 222 -8.22 -10.91 10.75
N TYR B 223 -8.19 -10.29 11.92
CA TYR B 223 -6.95 -9.86 12.56
C TYR B 223 -6.41 -10.90 13.54
N SER B 224 -7.22 -11.24 14.55
CA SER B 224 -6.84 -11.97 15.76
C SER B 224 -7.09 -13.48 15.71
N ASN B 225 -7.43 -14.03 14.55
CA ASN B 225 -7.86 -15.43 14.43
C ASN B 225 -6.91 -16.46 15.06
N PHE B 226 -5.60 -16.20 15.06
CA PHE B 226 -4.58 -17.12 15.56
C PHE B 226 -4.10 -16.83 17.00
N VAL B 227 -4.80 -15.98 17.75
CA VAL B 227 -4.34 -15.67 19.12
C VAL B 227 -4.26 -16.93 19.98
N SER B 228 -3.27 -16.97 20.86
CA SER B 228 -2.82 -18.18 21.54
C SER B 228 -3.61 -18.54 22.78
N PHE B 229 -4.62 -17.77 23.15
CA PHE B 229 -5.47 -18.01 24.30
C PHE B 229 -6.91 -18.12 23.84
N PRO B 230 -7.75 -18.87 24.55
CA PRO B 230 -9.15 -19.02 24.10
C PRO B 230 -9.86 -17.68 24.11
N LEU B 231 -10.51 -17.37 22.99
CA LEU B 231 -11.20 -16.10 22.80
C LEU B 231 -12.69 -16.37 22.62
N TYR B 232 -13.52 -15.77 23.47
CA TYR B 232 -14.96 -15.99 23.47
C TYR B 232 -15.65 -14.69 23.08
N LEU B 233 -16.49 -14.76 22.04
CA LEU B 233 -17.30 -13.63 21.61
C LEU B 233 -18.74 -13.90 21.98
N ASN B 234 -19.26 -13.12 22.94
CA ASN B 234 -20.64 -13.21 23.39
C ASN B 234 -20.96 -14.62 23.90
N GLY B 235 -19.96 -15.31 24.45
CA GLY B 235 -20.13 -16.63 25.00
C GLY B 235 -19.63 -17.77 24.13
N ARG B 236 -19.29 -17.51 22.87
CA ARG B 236 -18.93 -18.56 21.92
C ARG B 236 -17.45 -18.51 21.59
N ARG B 237 -16.77 -19.67 21.72
CA ARG B 237 -15.36 -19.77 21.35
C ARG B 237 -15.20 -19.55 19.85
N MET B 238 -13.99 -19.15 19.45
CA MET B 238 -13.76 -18.71 18.08
C MET B 238 -12.59 -19.40 17.37
N ASN B 239 -11.36 -19.23 17.88
CA ASN B 239 -10.11 -19.37 17.12
C ASN B 239 -10.13 -20.58 16.20
N THR B 240 -10.10 -21.77 16.80
CA THR B 240 -10.30 -23.05 16.11
C THR B 240 -9.14 -23.35 15.16
N LEU B 241 -8.32 -22.34 14.89
CA LEU B 241 -7.30 -22.41 13.84
C LEU B 241 -5.93 -22.27 14.49
N GLN B 242 -5.13 -23.32 14.37
CA GLN B 242 -3.76 -23.28 14.85
C GLN B 242 -2.91 -22.54 13.86
N ALA B 243 -1.86 -21.89 14.34
CA ALA B 243 -1.01 -21.24 13.36
C ALA B 243 0.03 -22.26 12.97
N ILE B 244 -0.19 -22.91 11.82
CA ILE B 244 0.62 -24.07 11.50
C ILE B 244 1.97 -23.65 10.92
N TRP B 245 2.09 -22.40 10.51
CA TRP B 245 3.38 -21.91 10.06
C TRP B 245 4.37 -21.83 11.21
N MET B 246 3.89 -21.73 12.46
CA MET B 246 4.78 -21.73 13.60
C MET B 246 5.26 -23.13 14.00
N MET B 247 4.51 -24.17 13.65
CA MET B 247 4.83 -25.52 14.07
C MET B 247 6.03 -26.08 13.31
N ASP B 248 6.63 -27.11 13.89
CA ASP B 248 7.61 -27.91 13.19
C ASP B 248 6.94 -28.50 11.95
N PRO B 249 7.54 -28.35 10.76
CA PRO B 249 6.91 -28.92 9.55
C PRO B 249 6.51 -30.38 9.71
N LYS B 250 7.34 -31.19 10.36
CA LYS B 250 7.04 -32.60 10.49
C LYS B 250 5.81 -32.87 11.36
N ASP B 251 5.28 -31.87 12.04
CA ASP B 251 4.10 -32.04 12.89
C ASP B 251 2.79 -31.69 12.18
N VAL B 252 2.82 -31.19 10.95
CA VAL B 252 1.61 -30.71 10.27
C VAL B 252 1.21 -31.73 9.21
N ARG B 253 0.05 -32.37 9.43
CA ARG B 253 -0.57 -33.34 8.51
C ARG B 253 -1.04 -32.66 7.21
N GLU B 254 -1.21 -33.48 6.17
CA GLU B 254 -1.81 -33.01 4.93
C GLU B 254 -3.22 -32.48 5.13
N TRP B 255 -4.02 -33.14 5.96
CA TRP B 255 -5.35 -32.62 6.32
C TRP B 255 -5.25 -31.20 6.84
N GLN B 256 -4.23 -30.93 7.66
CA GLN B 256 -4.08 -29.58 8.19
C GLN B 256 -3.67 -28.61 7.10
N HIS B 257 -2.73 -29.00 6.24
CA HIS B 257 -2.29 -28.13 5.17
C HIS B 257 -3.43 -27.86 4.19
N GLU B 258 -4.26 -28.86 3.96
CA GLU B 258 -5.40 -28.71 3.06
C GLU B 258 -6.41 -27.72 3.59
N GLU B 259 -6.75 -27.84 4.88
CA GLU B 259 -7.79 -27.00 5.47
C GLU B 259 -7.29 -25.57 5.61
N PHE B 260 -6.02 -25.41 5.97
CA PHE B 260 -5.45 -24.07 6.09
C PHE B 260 -5.28 -23.41 4.72
N TYR B 261 -4.89 -24.18 3.70
CA TYR B 261 -4.86 -23.65 2.35
C TYR B 261 -6.24 -23.18 1.94
N ARG B 262 -7.28 -23.97 2.20
CA ARG B 262 -8.62 -23.54 1.82
C ARG B 262 -8.99 -22.25 2.54
N TYR B 263 -8.44 -22.05 3.74
CA TYR B 263 -8.72 -20.82 4.50
C TYR B 263 -7.96 -19.64 3.91
N VAL B 264 -6.62 -19.71 3.91
CA VAL B 264 -5.81 -18.56 3.50
C VAL B 264 -6.01 -18.22 2.03
N ALA B 265 -6.38 -19.19 1.18
CA ALA B 265 -6.62 -18.96 -0.24
C ALA B 265 -8.11 -18.80 -0.57
N GLN B 266 -8.99 -18.89 0.42
CA GLN B 266 -10.44 -18.84 0.19
C GLN B 266 -10.87 -19.75 -0.96
N ALA B 267 -10.29 -20.95 -1.01
CA ALA B 267 -10.46 -21.84 -2.15
C ALA B 267 -11.13 -23.14 -1.74
N HIS B 268 -11.78 -23.79 -2.72
CA HIS B 268 -12.41 -25.09 -2.52
C HIS B 268 -11.60 -26.29 -3.02
N ASP B 269 -10.45 -26.06 -3.65
CA ASP B 269 -9.62 -27.15 -4.17
C ASP B 269 -8.58 -27.55 -3.13
N LYS B 270 -7.57 -28.35 -3.53
CA LYS B 270 -6.43 -28.77 -2.70
C LYS B 270 -5.12 -28.16 -3.21
N PRO B 271 -4.12 -27.97 -2.35
CA PRO B 271 -2.79 -27.58 -2.85
C PRO B 271 -2.10 -28.75 -3.53
N ARG B 272 -1.55 -28.50 -4.73
CA ARG B 272 -0.77 -29.56 -5.37
C ARG B 272 0.66 -29.59 -4.86
N TYR B 273 1.15 -28.48 -4.30
CA TYR B 273 2.47 -28.38 -3.72
C TYR B 273 2.35 -27.61 -2.41
N THR B 274 3.16 -27.99 -1.44
CA THR B 274 3.23 -27.36 -0.12
C THR B 274 4.70 -27.15 0.22
N LEU B 275 5.10 -25.90 0.44
CA LEU B 275 6.44 -25.60 0.93
C LEU B 275 6.30 -24.93 2.29
N HIS B 276 6.84 -25.57 3.32
CA HIS B 276 6.80 -25.04 4.68
C HIS B 276 8.24 -24.65 5.00
N TYR B 277 8.49 -23.35 5.05
CA TYR B 277 9.83 -22.82 5.04
C TYR B 277 10.03 -22.06 6.34
N LYS B 278 10.96 -22.54 7.16
CA LYS B 278 11.33 -21.89 8.41
C LYS B 278 12.82 -21.63 8.36
N THR B 279 13.22 -20.40 8.63
CA THR B 279 14.64 -20.08 8.77
C THR B 279 14.82 -18.94 9.76
N ASP B 280 15.87 -19.05 10.59
CA ASP B 280 16.23 -17.98 11.50
C ASP B 280 17.31 -17.05 10.94
N ALA B 281 17.92 -17.39 9.82
CA ALA B 281 18.96 -16.54 9.24
C ALA B 281 18.81 -16.45 7.72
N PRO B 282 19.05 -15.24 7.16
CA PRO B 282 19.36 -13.97 7.82
C PRO B 282 18.19 -13.38 8.62
N LEU B 283 16.97 -13.57 8.13
CA LEU B 283 15.76 -13.06 8.77
C LEU B 283 14.96 -14.22 9.36
N ASN B 284 14.24 -13.94 10.43
CA ASN B 284 13.28 -14.89 10.96
C ASN B 284 12.11 -15.01 10.00
N ILE B 285 11.81 -16.23 9.55
CA ILE B 285 10.72 -16.50 8.62
C ILE B 285 9.97 -17.74 9.07
N ARG B 286 8.68 -17.59 9.34
CA ARG B 286 7.75 -18.72 9.43
C ARG B 286 6.77 -18.57 8.27
N SER B 287 6.86 -19.46 7.28
CA SER B 287 6.09 -19.30 6.05
C SER B 287 5.56 -20.64 5.57
N ILE B 288 4.41 -20.58 4.87
CA ILE B 288 3.88 -21.72 4.14
C ILE B 288 3.38 -21.23 2.79
N PHE B 289 3.80 -21.88 1.71
CA PHE B 289 3.40 -21.53 0.35
C PHE B 289 2.74 -22.73 -0.34
N TYR B 290 1.65 -22.46 -1.05
CA TYR B 290 0.88 -23.48 -1.73
C TYR B 290 0.72 -23.14 -3.20
N VAL B 291 0.75 -24.16 -4.05
CA VAL B 291 0.34 -24.03 -5.44
C VAL B 291 -1.02 -24.70 -5.57
N PRO B 292 -2.05 -24.00 -6.05
CA PRO B 292 -3.38 -24.62 -6.16
C PRO B 292 -3.36 -25.81 -7.11
N ASP B 293 -4.28 -26.76 -6.87
CA ASP B 293 -4.58 -27.78 -7.87
C ASP B 293 -5.15 -27.16 -9.14
N MET B 294 -6.11 -26.26 -9.00
CA MET B 294 -6.81 -25.70 -10.16
C MET B 294 -5.88 -24.84 -11.01
N LYS B 295 -6.05 -24.92 -12.31
CA LYS B 295 -5.25 -24.15 -13.26
C LYS B 295 -5.94 -22.82 -13.54
N PRO B 296 -5.26 -21.69 -13.33
CA PRO B 296 -5.89 -20.39 -13.65
C PRO B 296 -6.20 -20.24 -15.13
N SER B 297 -7.28 -19.51 -15.42
CA SER B 297 -7.60 -19.12 -16.79
C SER B 297 -6.75 -17.93 -17.25
N MET B 298 -6.65 -17.79 -18.58
CA MET B 298 -5.94 -16.64 -19.15
C MET B 298 -6.51 -15.30 -18.66
N PHE B 299 -7.79 -15.26 -18.30
CA PHE B 299 -8.36 -14.02 -17.80
C PHE B 299 -7.82 -13.69 -16.42
N ASP B 300 -7.73 -14.69 -15.56
CA ASP B 300 -7.11 -14.52 -14.25
C ASP B 300 -5.68 -14.01 -14.38
N VAL B 301 -4.93 -14.59 -15.32
CA VAL B 301 -3.53 -14.24 -15.47
C VAL B 301 -3.40 -12.78 -15.89
N SER B 302 -4.16 -12.37 -16.91
CA SER B 302 -4.09 -11.03 -17.49
C SER B 302 -4.76 -9.99 -16.61
N ARG B 303 -5.40 -10.38 -15.51
CA ARG B 303 -6.17 -9.47 -14.68
C ARG B 303 -5.28 -8.43 -14.04
N GLU B 304 -3.96 -8.57 -14.24
CA GLU B 304 -2.96 -7.60 -13.78
C GLU B 304 -3.06 -7.40 -12.27
N LEU B 305 -2.80 -8.48 -11.57
CA LEU B 305 -2.70 -8.44 -10.13
C LEU B 305 -1.23 -8.50 -9.73
N GLY B 306 -0.99 -8.35 -8.43
CA GLY B 306 0.29 -8.62 -7.84
C GLY B 306 0.26 -9.88 -7.01
N SER B 307 1.34 -10.08 -6.27
CA SER B 307 1.39 -11.21 -5.37
C SER B 307 0.43 -10.98 -4.22
N SER B 308 -0.23 -12.03 -3.77
CA SER B 308 -1.08 -11.97 -2.59
C SER B 308 -0.66 -13.10 -1.66
N VAL B 309 -0.09 -12.73 -0.53
CA VAL B 309 0.26 -13.64 0.54
C VAL B 309 -0.05 -12.91 1.83
N ALA B 310 -0.75 -13.58 2.74
CA ALA B 310 -1.08 -12.93 3.99
C ALA B 310 0.17 -12.79 4.85
N LEU B 311 0.33 -11.62 5.46
CA LEU B 311 1.53 -11.29 6.20
C LEU B 311 1.15 -11.18 7.66
N TYR B 312 1.90 -11.88 8.52
CA TYR B 312 1.67 -11.91 9.95
C TYR B 312 2.94 -11.50 10.68
N SER B 313 2.79 -10.96 11.88
CA SER B 313 3.88 -10.89 12.84
C SER B 313 3.37 -11.41 14.17
N ARG B 314 4.05 -12.40 14.74
CA ARG B 314 3.72 -12.92 16.07
C ARG B 314 2.24 -13.26 16.16
N LYS B 315 1.73 -13.93 15.13
CA LYS B 315 0.35 -14.38 14.98
C LYS B 315 -0.66 -13.27 14.73
N VAL B 316 -0.26 -11.99 14.72
CA VAL B 316 -1.19 -10.92 14.39
C VAL B 316 -1.12 -10.60 12.90
N LEU B 317 -2.28 -10.48 12.26
CA LEU B 317 -2.36 -10.09 10.86
C LEU B 317 -1.79 -8.70 10.66
N ILE B 318 -0.91 -8.55 9.66
CA ILE B 318 -0.40 -7.26 9.22
C ILE B 318 -1.24 -6.81 8.04
N GLN B 319 -1.08 -7.48 6.88
CA GLN B 319 -1.94 -7.27 5.71
C GLN B 319 -2.48 -8.59 5.19
N THR B 320 -3.74 -8.59 4.74
CA THR B 320 -4.36 -9.82 4.22
C THR B 320 -3.76 -10.24 2.89
N LYS B 321 -3.47 -9.29 2.00
CA LYS B 321 -2.67 -9.61 0.81
C LYS B 321 -1.54 -8.61 0.74
N ALA B 322 -0.34 -9.07 1.03
CA ALA B 322 0.83 -8.24 0.94
C ALA B 322 1.41 -8.43 -0.45
N THR B 323 1.50 -7.35 -1.21
CA THR B 323 2.04 -7.44 -2.56
C THR B 323 3.56 -7.30 -2.60
N ASP B 324 4.18 -6.83 -1.52
CA ASP B 324 5.61 -6.57 -1.56
C ASP B 324 6.46 -7.79 -1.31
N ILE B 325 5.91 -8.84 -0.68
CA ILE B 325 6.75 -9.88 -0.12
C ILE B 325 7.19 -10.90 -1.18
N LEU B 326 6.35 -11.18 -2.19
CA LEU B 326 6.73 -12.07 -3.27
C LEU B 326 6.76 -11.32 -4.60
N PRO B 327 7.66 -11.70 -5.51
CA PRO B 327 7.65 -11.11 -6.85
C PRO B 327 6.35 -11.40 -7.59
N LYS B 328 6.12 -10.58 -8.63
CA LYS B 328 4.84 -10.60 -9.31
C LYS B 328 4.62 -11.90 -10.07
N TRP B 329 5.69 -12.51 -10.61
CA TRP B 329 5.50 -13.74 -11.37
C TRP B 329 5.08 -14.92 -10.48
N LEU B 330 5.29 -14.81 -9.17
CA LEU B 330 4.91 -15.80 -8.16
C LEU B 330 3.54 -15.52 -7.53
N ARG B 331 2.77 -14.59 -8.10
CA ARG B 331 1.40 -14.36 -7.63
C ARG B 331 0.50 -15.59 -7.69
N PHE B 332 0.85 -16.63 -8.45
CA PHE B 332 0.03 -17.84 -8.42
C PHE B 332 0.12 -18.57 -7.08
N ILE B 333 1.05 -18.18 -6.22
CA ILE B 333 1.29 -18.84 -4.95
C ILE B 333 0.39 -18.24 -3.87
N ARG B 334 -0.11 -19.10 -2.97
CA ARG B 334 -0.98 -18.70 -1.88
C ARG B 334 -0.31 -19.12 -0.58
N GLY B 335 -0.46 -18.33 0.46
CA GLY B 335 0.13 -18.74 1.73
C GLY B 335 0.25 -17.60 2.72
N VAL B 336 1.21 -17.77 3.63
CA VAL B 336 1.36 -16.89 4.79
C VAL B 336 2.85 -16.71 5.01
N VAL B 337 3.25 -15.51 5.43
CA VAL B 337 4.62 -15.25 5.87
C VAL B 337 4.55 -14.51 7.19
N ASP B 338 5.28 -15.00 8.17
CA ASP B 338 5.32 -14.44 9.52
C ASP B 338 6.78 -14.15 9.84
N SER B 339 7.04 -12.96 10.37
CA SER B 339 8.38 -12.61 10.79
C SER B 339 8.30 -11.71 12.04
N GLU B 340 9.15 -11.98 13.02
CA GLU B 340 9.38 -11.01 14.08
C GLU B 340 10.37 -9.94 13.64
N ASP B 341 11.39 -10.33 12.87
CA ASP B 341 12.50 -9.45 12.55
C ASP B 341 12.05 -8.14 11.89
N ILE B 342 11.44 -8.21 10.71
CA ILE B 342 11.13 -6.99 9.94
C ILE B 342 10.28 -6.04 10.77
N PRO B 343 10.66 -4.79 10.91
CA PRO B 343 9.94 -3.88 11.81
C PRO B 343 8.64 -3.39 11.19
N LEU B 344 7.65 -3.22 12.04
CA LEU B 344 6.34 -2.75 11.62
C LEU B 344 6.25 -1.23 11.62
N ASN B 345 5.51 -0.71 10.66
CA ASN B 345 5.01 0.65 10.72
C ASN B 345 4.18 0.85 11.99
N LEU B 346 4.21 2.08 12.51
CA LEU B 346 3.48 2.44 13.73
C LEU B 346 2.02 2.00 13.69
N SER B 347 1.39 2.04 12.52
CA SER B 347 0.00 1.61 12.36
C SER B 347 -0.17 0.09 12.32
N ARG B 348 0.93 -0.66 12.24
CA ARG B 348 0.97 -2.13 12.20
C ARG B 348 0.18 -2.71 11.03
N GLU B 349 -0.10 -1.90 10.02
CA GLU B 349 -0.73 -2.33 8.78
C GLU B 349 0.26 -2.52 7.64
N LEU B 350 1.56 -2.30 7.86
CA LEU B 350 2.56 -2.52 6.82
C LEU B 350 3.95 -2.63 7.46
N LEU B 351 4.94 -2.90 6.61
CA LEU B 351 6.32 -3.09 7.02
C LEU B 351 7.10 -1.80 6.74
N GLN B 352 8.39 -1.78 7.12
CA GLN B 352 9.13 -0.54 7.08
C GLN B 352 10.29 -0.51 6.10
N GLU B 353 11.42 -1.12 6.46
CA GLU B 353 12.68 -0.77 5.80
C GLU B 353 12.74 -1.50 4.47
N SER B 354 12.78 -0.73 3.38
CA SER B 354 12.47 -1.31 2.08
C SER B 354 13.56 -2.25 1.59
N ALA B 355 14.83 -1.95 1.90
CA ALA B 355 15.91 -2.83 1.46
C ALA B 355 15.79 -4.21 2.11
N LEU B 356 15.49 -4.25 3.42
CA LEU B 356 15.41 -5.53 4.11
C LEU B 356 14.12 -6.28 3.77
N ILE B 357 13.06 -5.57 3.39
CA ILE B 357 11.95 -6.22 2.70
C ILE B 357 12.44 -6.93 1.45
N ARG B 358 13.21 -6.20 0.62
CA ARG B 358 13.67 -6.78 -0.63
C ARG B 358 14.67 -7.91 -0.39
N LYS B 359 15.42 -7.86 0.72
CA LYS B 359 16.20 -9.02 1.14
C LYS B 359 15.28 -10.22 1.38
N LEU B 360 14.17 -10.00 2.08
CA LEU B 360 13.20 -11.06 2.30
C LEU B 360 12.65 -11.58 0.97
N ARG B 361 12.35 -10.68 0.04
CA ARG B 361 11.76 -11.11 -1.23
C ARG B 361 12.75 -11.91 -2.06
N ASP B 362 14.03 -11.51 -2.05
CA ASP B 362 15.03 -12.25 -2.82
C ASP B 362 15.22 -13.63 -2.24
N VAL B 363 15.15 -13.73 -0.91
CA VAL B 363 15.32 -15.02 -0.24
C VAL B 363 14.12 -15.91 -0.54
N LEU B 364 12.91 -15.37 -0.41
CA LEU B 364 11.72 -16.12 -0.75
C LEU B 364 11.71 -16.51 -2.23
N GLN B 365 12.20 -15.63 -3.10
CA GLN B 365 12.22 -15.98 -4.51
C GLN B 365 13.19 -17.15 -4.76
N GLN B 366 14.39 -17.07 -4.19
CA GLN B 366 15.37 -18.12 -4.40
C GLN B 366 14.89 -19.43 -3.80
N ARG B 367 14.24 -19.37 -2.63
CA ARG B 367 13.80 -20.57 -1.96
C ARG B 367 12.70 -21.27 -2.73
N LEU B 368 11.84 -20.50 -3.39
CA LEU B 368 10.75 -21.10 -4.15
C LEU B 368 11.26 -21.70 -5.46
N ILE B 369 12.24 -21.05 -6.10
CA ILE B 369 12.81 -21.62 -7.32
C ILE B 369 13.54 -22.92 -6.99
N LYS B 370 14.20 -22.98 -5.84
CA LYS B 370 14.85 -24.21 -5.44
C LYS B 370 13.82 -25.27 -5.13
N PHE B 371 12.69 -24.87 -4.51
CA PHE B 371 11.63 -25.82 -4.24
C PHE B 371 11.14 -26.48 -5.54
N PHE B 372 10.97 -25.70 -6.61
CA PHE B 372 10.41 -26.25 -7.84
C PHE B 372 11.43 -27.12 -8.58
N ILE B 373 12.69 -26.69 -8.62
CA ILE B 373 13.78 -27.51 -9.15
C ILE B 373 13.82 -28.85 -8.43
N ASP B 374 13.54 -28.84 -7.12
CA ASP B 374 13.57 -30.08 -6.35
C ASP B 374 12.34 -30.93 -6.63
N GLN B 375 11.17 -30.29 -6.83
CA GLN B 375 9.98 -31.06 -7.20
C GLN B 375 10.14 -31.72 -8.56
N SER B 376 10.91 -31.12 -9.47
CA SER B 376 11.07 -31.75 -10.78
C SER B 376 11.94 -33.00 -10.70
N LYS B 377 12.89 -33.02 -9.76
CA LYS B 377 13.72 -34.19 -9.58
C LYS B 377 13.02 -35.24 -8.72
N LYS B 378 12.20 -34.80 -7.77
CA LYS B 378 11.42 -35.72 -6.94
C LYS B 378 10.34 -36.43 -7.75
N ASP B 379 9.45 -35.68 -8.41
CA ASP B 379 8.42 -36.30 -9.26
C ASP B 379 8.33 -35.51 -10.57
N ALA B 380 8.77 -36.12 -11.66
CA ALA B 380 8.93 -35.35 -12.90
C ALA B 380 7.63 -35.22 -13.66
N GLU B 381 6.77 -36.24 -13.58
CA GLU B 381 5.49 -36.17 -14.29
C GLU B 381 4.55 -35.19 -13.60
N LYS B 382 4.62 -35.09 -12.28
CA LYS B 382 3.87 -34.06 -11.57
C LYS B 382 4.38 -32.66 -11.95
N TYR B 383 5.70 -32.50 -12.00
CA TYR B 383 6.28 -31.22 -12.37
C TYR B 383 5.87 -30.80 -13.78
N ALA B 384 5.81 -31.75 -14.71
CA ALA B 384 5.42 -31.43 -16.08
C ALA B 384 4.02 -30.86 -16.11
N LYS B 385 3.09 -31.46 -15.34
CA LYS B 385 1.74 -30.89 -15.24
C LYS B 385 1.76 -29.51 -14.59
N PHE B 386 2.67 -29.26 -13.67
CA PHE B 386 2.74 -27.95 -13.04
C PHE B 386 3.29 -26.93 -14.03
N PHE B 387 4.30 -27.35 -14.80
CA PHE B 387 4.85 -26.51 -15.84
C PHE B 387 3.81 -26.16 -16.90
N GLU B 388 3.01 -27.13 -17.32
CA GLU B 388 1.96 -26.83 -18.30
C GLU B 388 0.97 -25.81 -17.76
N ASP B 389 0.58 -25.95 -16.49
CA ASP B 389 -0.46 -25.11 -15.91
C ASP B 389 0.06 -23.74 -15.47
N TYR B 390 1.26 -23.70 -14.89
CA TYR B 390 1.86 -22.47 -14.41
C TYR B 390 3.02 -21.91 -15.24
N GLY B 391 3.46 -22.58 -16.30
CA GLY B 391 4.68 -22.16 -16.96
C GLY B 391 4.60 -20.77 -17.55
N LEU B 392 3.40 -20.31 -17.85
CA LEU B 392 3.20 -18.94 -18.35
C LEU B 392 3.75 -17.90 -17.38
N PHE B 393 3.58 -18.14 -16.06
CA PHE B 393 4.09 -17.21 -15.07
C PHE B 393 5.61 -17.15 -15.08
N MET B 394 6.26 -18.30 -15.28
CA MET B 394 7.71 -18.29 -15.35
C MET B 394 8.18 -17.53 -16.58
N ARG B 395 7.42 -17.65 -17.68
CA ARG B 395 7.76 -16.93 -18.90
C ARG B 395 7.58 -15.43 -18.71
N GLU B 396 6.50 -15.03 -18.04
CA GLU B 396 6.30 -13.63 -17.67
C GLU B 396 7.44 -13.12 -16.78
N GLY B 397 7.83 -13.91 -15.78
CA GLY B 397 8.89 -13.47 -14.89
C GLY B 397 10.24 -13.28 -15.58
N ILE B 398 10.57 -14.16 -16.51
CA ILE B 398 11.80 -14.01 -17.27
C ILE B 398 11.74 -12.77 -18.17
N VAL B 399 10.56 -12.46 -18.70
CA VAL B 399 10.44 -11.33 -19.61
C VAL B 399 10.55 -10.01 -18.85
N THR B 400 9.92 -9.91 -17.70
CA THR B 400 9.87 -8.66 -16.95
C THR B 400 11.13 -8.39 -16.14
N ALA B 401 11.89 -9.41 -15.77
CA ALA B 401 13.02 -9.20 -14.89
C ALA B 401 14.09 -8.38 -15.60
N THR B 402 14.95 -7.75 -14.81
CA THR B 402 16.01 -6.89 -15.33
C THR B 402 17.38 -7.54 -15.13
N GLU B 403 17.78 -7.84 -13.89
CA GLU B 403 19.02 -8.56 -13.67
C GLU B 403 19.01 -9.92 -14.39
N GLN B 404 20.06 -10.16 -15.18
CA GLN B 404 20.15 -11.40 -15.96
C GLN B 404 20.17 -12.63 -15.06
N GLU B 405 20.68 -12.48 -13.83
CA GLU B 405 20.77 -13.62 -12.92
C GLU B 405 19.38 -14.12 -12.53
N VAL B 406 18.43 -13.21 -12.37
CA VAL B 406 17.05 -13.62 -12.13
C VAL B 406 16.51 -14.39 -13.33
N LYS B 407 16.74 -13.86 -14.53
CA LYS B 407 16.23 -14.48 -15.74
C LYS B 407 16.67 -15.93 -15.84
N GLU B 408 17.92 -16.20 -15.50
CA GLU B 408 18.45 -17.55 -15.64
C GLU B 408 18.00 -18.47 -14.52
N ASP B 409 17.77 -17.92 -13.32
CA ASP B 409 17.20 -18.72 -12.25
C ASP B 409 15.79 -19.17 -12.60
N ILE B 410 14.93 -18.23 -12.97
CA ILE B 410 13.58 -18.59 -13.39
C ILE B 410 13.64 -19.53 -14.59
N ALA B 411 14.60 -19.30 -15.49
CA ALA B 411 14.71 -20.12 -16.69
C ALA B 411 15.06 -21.58 -16.38
N LYS B 412 15.60 -21.88 -15.20
CA LYS B 412 15.86 -23.28 -14.83
C LYS B 412 14.55 -24.06 -14.71
N LEU B 413 13.45 -23.40 -14.44
CA LEU B 413 12.16 -24.07 -14.34
C LEU B 413 11.56 -24.41 -15.70
N LEU B 414 12.00 -23.75 -16.78
CA LEU B 414 11.39 -23.99 -18.08
C LEU B 414 11.68 -25.41 -18.57
N ARG B 415 10.78 -25.94 -19.39
CA ARG B 415 10.95 -27.25 -19.98
C ARG B 415 10.62 -27.18 -21.47
N TYR B 416 11.29 -28.04 -22.25
CA TYR B 416 11.08 -28.12 -23.68
C TYR B 416 11.23 -29.57 -24.12
N GLU B 417 10.78 -29.83 -25.33
CA GLU B 417 11.13 -31.08 -25.96
C GLU B 417 12.50 -30.92 -26.63
N SER B 418 12.97 -31.99 -27.24
CA SER B 418 14.32 -32.01 -27.81
C SER B 418 14.30 -32.88 -29.05
N SER B 419 15.16 -32.54 -30.00
CA SER B 419 15.35 -33.39 -31.17
C SER B 419 16.09 -34.66 -30.81
N ALA B 420 16.79 -34.67 -29.69
CA ALA B 420 17.57 -35.81 -29.22
C ALA B 420 16.81 -36.71 -28.24
N LEU B 421 15.54 -36.46 -28.00
CA LEU B 421 14.74 -37.23 -27.06
C LEU B 421 13.46 -37.71 -27.76
N PRO B 422 12.80 -38.73 -27.23
CA PRO B 422 11.56 -39.18 -27.87
C PRO B 422 10.44 -38.18 -27.70
N SER B 423 9.41 -38.32 -28.55
CA SER B 423 8.23 -37.44 -28.49
C SER B 423 7.68 -37.37 -27.09
N GLY B 424 7.51 -36.15 -26.60
CA GLY B 424 6.85 -35.92 -25.34
C GLY B 424 7.78 -35.90 -24.16
N GLN B 425 9.04 -36.30 -24.33
CA GLN B 425 9.99 -36.22 -23.23
C GLN B 425 10.48 -34.79 -23.05
N LEU B 426 10.36 -34.30 -21.83
CA LEU B 426 10.74 -32.94 -21.46
C LEU B 426 12.18 -32.90 -20.97
N THR B 427 12.88 -31.82 -21.31
CA THR B 427 14.24 -31.57 -20.88
C THR B 427 14.34 -30.14 -20.38
N SER B 428 15.46 -29.86 -19.71
CA SER B 428 15.73 -28.55 -19.15
C SER B 428 16.77 -27.86 -20.02
N LEU B 429 17.09 -26.61 -19.69
CA LEU B 429 18.24 -25.98 -20.33
C LEU B 429 19.55 -26.56 -19.80
N SER B 430 19.58 -26.90 -18.50
CA SER B 430 20.75 -27.54 -17.89
C SER B 430 21.07 -28.87 -18.58
N GLU B 431 20.07 -29.76 -18.65
CA GLU B 431 20.27 -31.06 -19.27
C GLU B 431 20.75 -30.91 -20.72
N TYR B 432 20.21 -29.93 -21.46
CA TYR B 432 20.73 -29.64 -22.80
C TYR B 432 22.21 -29.26 -22.75
N ALA B 433 22.56 -28.40 -21.79
CA ALA B 433 23.95 -27.95 -21.66
C ALA B 433 24.87 -29.13 -21.37
N SER B 434 24.45 -30.03 -20.47
CA SER B 434 25.23 -31.24 -20.18
C SER B 434 25.53 -32.05 -21.43
N ARG B 435 24.64 -32.03 -22.42
CA ARG B 435 24.74 -32.89 -23.60
C ARG B 435 25.48 -32.25 -24.76
N MET B 436 25.90 -30.99 -24.65
CA MET B 436 26.56 -30.33 -25.77
C MET B 436 27.98 -30.88 -25.94
N ARG B 437 28.45 -30.88 -27.18
CA ARG B 437 29.76 -31.46 -27.48
C ARG B 437 30.86 -30.57 -26.92
N ALA B 438 32.12 -30.99 -27.15
CA ALA B 438 33.25 -30.43 -26.43
C ALA B 438 33.34 -28.91 -26.59
N GLY B 439 33.32 -28.42 -27.83
CA GLY B 439 33.51 -27.00 -28.05
C GLY B 439 32.28 -26.21 -28.43
N THR B 440 31.12 -26.87 -28.54
CA THR B 440 29.91 -26.21 -29.00
C THR B 440 29.52 -25.08 -28.05
N ARG B 441 29.32 -23.88 -28.60
CA ARG B 441 29.12 -22.68 -27.81
C ARG B 441 27.66 -22.23 -27.62
N ASN B 442 26.69 -22.88 -28.26
CA ASN B 442 25.36 -22.27 -28.34
C ASN B 442 24.26 -23.28 -28.07
N ILE B 443 23.17 -22.78 -27.48
CA ILE B 443 21.93 -23.55 -27.27
C ILE B 443 20.97 -23.22 -28.39
N TYR B 444 20.62 -24.22 -29.20
CA TYR B 444 19.82 -24.01 -30.41
C TYR B 444 18.38 -24.43 -30.18
N TYR B 445 17.43 -23.69 -30.77
CA TYR B 445 16.02 -23.92 -30.47
C TYR B 445 15.14 -23.64 -31.67
N LEU B 446 13.94 -24.22 -31.64
CA LEU B 446 12.94 -24.06 -32.68
C LEU B 446 11.56 -24.02 -32.05
N CYS B 447 10.76 -23.03 -32.43
CA CYS B 447 9.46 -22.77 -31.83
C CYS B 447 8.41 -23.07 -32.90
N ALA B 448 7.53 -24.03 -32.61
CA ALA B 448 6.54 -24.48 -33.57
C ALA B 448 5.33 -24.96 -32.79
N PRO B 449 4.16 -25.06 -33.42
CA PRO B 449 2.99 -25.56 -32.68
C PRO B 449 3.12 -26.99 -32.13
N ASN B 450 3.80 -27.90 -32.81
CA ASN B 450 3.96 -29.27 -32.30
C ASN B 450 5.23 -29.89 -32.87
N ARG B 451 5.51 -31.13 -32.45
CA ARG B 451 6.74 -31.79 -32.83
C ARG B 451 6.77 -32.16 -34.31
N HIS B 452 5.61 -32.47 -34.89
CA HIS B 452 5.57 -32.73 -36.32
C HIS B 452 6.03 -31.50 -37.12
N LEU B 453 5.41 -30.34 -36.87
CA LEU B 453 5.76 -29.13 -37.63
C LEU B 453 7.19 -28.70 -37.38
N ALA B 454 7.71 -28.93 -36.17
CA ALA B 454 9.11 -28.63 -35.91
C ALA B 454 10.02 -29.48 -36.78
N GLU B 455 9.78 -30.79 -36.84
CA GLU B 455 10.67 -31.68 -37.56
C GLU B 455 10.57 -31.53 -39.07
N HIS B 456 9.46 -30.98 -39.57
CA HIS B 456 9.31 -30.68 -40.99
C HIS B 456 9.81 -29.28 -41.34
N SER B 457 10.34 -28.54 -40.38
CA SER B 457 10.88 -27.22 -40.70
C SER B 457 12.07 -27.36 -41.64
N PRO B 458 12.10 -26.64 -42.76
CA PRO B 458 13.30 -26.66 -43.60
C PRO B 458 14.51 -26.18 -42.85
N TYR B 459 14.31 -25.30 -41.88
CA TYR B 459 15.44 -24.82 -41.09
C TYR B 459 15.91 -25.89 -40.11
N TYR B 460 15.01 -26.73 -39.62
CA TYR B 460 15.48 -27.81 -38.78
C TYR B 460 16.10 -28.93 -39.60
N GLU B 461 15.58 -29.18 -40.82
CA GLU B 461 16.17 -30.23 -41.64
C GLU B 461 17.63 -29.96 -41.93
N ALA B 462 18.00 -28.67 -42.05
CA ALA B 462 19.41 -28.31 -42.22
C ALA B 462 20.23 -28.67 -40.99
N MET B 463 19.67 -28.46 -39.79
CA MET B 463 20.35 -28.85 -38.57
C MET B 463 20.56 -30.36 -38.50
N LYS B 464 19.60 -31.13 -39.03
CA LYS B 464 19.68 -32.59 -38.96
C LYS B 464 20.90 -33.12 -39.70
N LYS B 465 21.38 -32.40 -40.72
CA LYS B 465 22.60 -32.82 -41.40
C LYS B 465 23.80 -32.79 -40.46
N LYS B 466 23.76 -31.92 -39.44
CA LYS B 466 24.78 -31.89 -38.41
C LYS B 466 24.29 -32.64 -37.17
N ASP B 467 25.15 -32.71 -36.17
CA ASP B 467 24.92 -33.47 -34.95
C ASP B 467 24.22 -32.65 -33.88
N THR B 468 23.82 -31.43 -34.21
CA THR B 468 23.37 -30.47 -33.20
C THR B 468 22.00 -30.84 -32.64
N GLU B 469 21.87 -30.70 -31.32
CA GLU B 469 20.59 -30.84 -30.65
C GLU B 469 19.82 -29.53 -30.76
N VAL B 470 18.52 -29.64 -30.97
CA VAL B 470 17.63 -28.49 -31.08
C VAL B 470 16.51 -28.63 -30.06
N LEU B 471 16.28 -27.56 -29.29
CA LEU B 471 15.14 -27.54 -28.38
C LEU B 471 13.87 -27.28 -29.17
N PHE B 472 12.78 -27.95 -28.78
CA PHE B 472 11.48 -27.82 -29.43
C PHE B 472 10.51 -27.20 -28.45
N CYS B 473 9.97 -26.03 -28.81
CA CYS B 473 9.18 -25.21 -27.89
CA CYS B 473 9.18 -25.21 -27.89
C CYS B 473 7.79 -24.97 -28.48
N PHE B 474 6.78 -25.62 -27.89
CA PHE B 474 5.39 -25.56 -28.33
C PHE B 474 4.52 -24.63 -27.51
N GLU B 475 5.04 -24.05 -26.44
CA GLU B 475 4.18 -23.29 -25.54
C GLU B 475 3.98 -21.88 -26.06
N GLN B 476 2.85 -21.29 -25.65
CA GLN B 476 2.61 -19.89 -25.95
C GLN B 476 3.67 -19.02 -25.30
N PHE B 477 4.20 -18.07 -26.08
CA PHE B 477 5.25 -17.13 -25.70
C PHE B 477 6.59 -17.78 -25.44
N ASP B 478 6.82 -18.98 -25.97
CA ASP B 478 8.13 -19.60 -25.81
C ASP B 478 9.21 -18.76 -26.49
N GLU B 479 9.02 -18.46 -27.79
CA GLU B 479 10.05 -17.74 -28.54
C GLU B 479 10.31 -16.38 -27.93
N LEU B 480 9.24 -15.65 -27.60
CA LEU B 480 9.40 -14.34 -26.97
C LEU B 480 10.18 -14.46 -25.67
N THR B 481 9.91 -15.50 -24.89
CA THR B 481 10.66 -15.73 -23.65
C THR B 481 12.13 -15.99 -23.95
N LEU B 482 12.42 -16.79 -24.99
CA LEU B 482 13.82 -17.10 -25.27
C LEU B 482 14.56 -15.87 -25.81
N LEU B 483 13.86 -14.97 -26.52
CA LEU B 483 14.50 -13.75 -26.99
C LEU B 483 14.84 -12.80 -25.84
N HIS B 484 13.99 -12.72 -24.82
CA HIS B 484 14.31 -11.90 -23.66
C HIS B 484 15.35 -12.56 -22.74
N LEU B 485 15.34 -13.88 -22.63
CA LEU B 485 16.33 -14.52 -21.77
C LEU B 485 17.72 -14.46 -22.39
N ARG B 486 17.81 -14.76 -23.68
CA ARG B 486 18.87 -14.39 -24.62
C ARG B 486 20.16 -15.18 -24.44
N GLU B 487 20.40 -15.69 -23.24
CA GLU B 487 21.47 -16.66 -23.00
C GLU B 487 21.20 -17.34 -21.68
N PHE B 488 21.80 -18.52 -21.51
CA PHE B 488 21.70 -19.28 -20.28
C PHE B 488 23.04 -19.97 -20.07
N ASP B 489 23.56 -19.89 -18.84
CA ASP B 489 24.84 -20.51 -18.51
C ASP B 489 25.93 -20.04 -19.47
N LYS B 490 25.88 -18.75 -19.82
CA LYS B 490 26.84 -18.11 -20.73
C LYS B 490 26.86 -18.74 -22.13
N LYS B 491 25.76 -19.38 -22.54
CA LYS B 491 25.60 -19.90 -23.88
C LYS B 491 24.48 -19.14 -24.57
N LYS B 492 24.72 -18.67 -25.79
CA LYS B 492 23.72 -17.86 -26.49
C LYS B 492 22.57 -18.73 -26.96
N LEU B 493 21.35 -18.24 -26.78
CA LEU B 493 20.16 -18.92 -27.27
C LEU B 493 19.86 -18.44 -28.68
N ILE B 494 19.90 -19.35 -29.65
CA ILE B 494 19.88 -19.00 -31.06
C ILE B 494 18.76 -19.78 -31.72
N SER B 495 17.80 -19.07 -32.30
CA SER B 495 16.80 -19.75 -33.09
C SER B 495 17.46 -20.41 -34.29
N VAL B 496 17.00 -21.61 -34.61
CA VAL B 496 17.49 -22.34 -35.77
C VAL B 496 17.01 -21.74 -37.07
N GLU B 497 16.05 -20.82 -36.99
CA GLU B 497 15.43 -20.23 -38.17
C GLU B 497 16.19 -19.02 -38.67
N THR B 498 17.36 -18.73 -38.09
CA THR B 498 18.15 -17.58 -38.51
C THR B 498 19.45 -18.00 -39.19
PG ANP C . 3.52 18.56 9.70
O1G ANP C . 4.06 17.56 10.71
O2G ANP C . 4.58 19.12 8.80
O3G ANP C . 2.17 18.28 9.04
PB ANP C . 4.13 21.12 10.98
O1B ANP C . 3.35 22.14 11.74
O2B ANP C . 4.80 21.51 9.70
N3B ANP C . 3.00 19.85 10.72
PA ANP C . 6.76 20.46 11.71
O1A ANP C . 7.38 19.57 12.76
O2A ANP C . 6.98 20.20 10.25
O3A ANP C . 5.20 20.52 12.00
O5' ANP C . 7.13 21.99 12.04
C5' ANP C . 6.85 22.45 13.36
C4' ANP C . 6.60 23.96 13.39
O4' ANP C . 7.85 24.66 13.40
C3' ANP C . 5.83 24.48 12.17
O3' ANP C . 4.39 24.44 12.34
C2' ANP C . 6.35 25.89 12.09
O2' ANP C . 5.57 26.69 13.00
C1' ANP C . 7.78 25.83 12.62
N9 ANP C . 8.74 25.69 11.52
C8 ANP C . 9.25 24.55 11.01
N7 ANP C . 10.08 24.80 9.95
C5 ANP C . 10.10 26.13 9.78
C6 ANP C . 10.76 27.09 8.86
N6 ANP C . 11.59 26.67 7.88
N1 ANP C . 10.49 28.41 9.03
C2 ANP C . 9.67 28.87 10.01
N3 ANP C . 9.04 28.06 10.88
C4 ANP C . 9.22 26.71 10.81
P PO4 D . -17.37 19.21 -15.77
O1 PO4 D . -18.01 17.97 -15.17
O2 PO4 D . -16.06 18.92 -16.46
O3 PO4 D . -18.35 19.75 -16.78
O4 PO4 D . -17.10 20.21 -14.66
MG MG E . 6.27 20.26 8.09
C1 GOL F . 27.51 15.90 -6.44
O1 GOL F . 28.13 16.48 -5.32
C2 GOL F . 27.92 14.43 -6.60
O2 GOL F . 28.13 13.87 -5.32
C3 GOL F . 26.82 13.64 -7.29
O3 GOL F . 26.06 14.51 -8.08
O1 SO4 G . -10.41 9.83 7.82
PG ANP H . 1.75 -1.16 21.10
O1G ANP H . 0.56 -2.04 21.30
O2G ANP H . 1.38 0.29 20.84
O3G ANP H . 2.80 -1.72 20.15
PB ANP H . 1.74 -1.38 24.07
O1B ANP H . 0.77 -2.56 23.93
O2B ANP H . 2.75 -1.40 25.20
N3B ANP H . 2.63 -1.12 22.60
PA ANP H . -0.68 0.10 24.52
O1A ANP H . -1.40 -0.93 23.69
O2A ANP H . -1.01 1.57 24.39
O3A ANP H . 0.91 -0.02 24.28
O5' ANP H . -0.73 -0.33 26.08
C5' ANP H . -0.12 0.51 27.07
C4' ANP H . 0.36 -0.34 28.24
O4' ANP H . -0.71 -0.50 29.17
C3' ANP H . 0.83 -1.75 27.85
O3' ANP H . 2.24 -1.81 27.59
C2' ANP H . 0.50 -2.53 29.09
O2' ANP H . 1.57 -2.37 30.04
C1' ANP H . -0.71 -1.83 29.68
N9 ANP H . -1.93 -2.53 29.25
C8 ANP H . -2.65 -2.33 28.13
N7 ANP H . -3.68 -3.21 28.05
C5 ANP H . -3.60 -4.01 29.12
C6 ANP H . -4.35 -5.13 29.66
N6 ANP H . -5.42 -5.59 29.00
N1 ANP H . -3.92 -5.69 30.82
C2 ANP H . -2.85 -5.25 31.48
N3 ANP H . -2.11 -4.22 31.04
C4 ANP H . -2.43 -3.58 29.90
P PO4 I . 14.80 -25.69 4.08
O1 PO4 I . 15.66 -26.74 4.76
O2 PO4 I . 13.62 -25.39 4.99
O3 PO4 I . 14.30 -26.26 2.79
O4 PO4 I . 15.66 -24.47 3.78
P PO4 J . -3.83 -15.68 -10.26
O1 PO4 J . -3.70 -16.92 -11.12
O2 PO4 J . -5.16 -15.70 -9.55
O3 PO4 J . -2.72 -15.68 -9.23
O4 PO4 J . -3.73 -14.42 -11.11
S SO4 K . -10.05 6.57 10.99
O1 SO4 K . -9.93 6.22 9.57
O3 SO4 K . -8.76 6.86 11.59
O4 SO4 K . -10.95 7.72 11.15
MG MG L . -0.99 -2.86 22.48
C1 GOL M . -1.19 24.44 18.38
O1 GOL M . -0.70 24.37 19.72
C2 GOL M . -1.67 23.09 17.79
O2 GOL M . -0.57 22.36 17.27
C3 GOL M . -2.70 23.36 16.69
O3 GOL M . -2.76 22.21 15.87
C1 GOL N . -26.02 -9.01 17.46
O1 GOL N . -26.00 -7.71 18.01
C2 GOL N . -26.46 -8.98 15.99
O2 GOL N . -26.39 -7.68 15.45
C3 GOL N . -25.57 -9.91 15.19
O3 GOL N . -25.61 -9.47 13.85
C1 GOL O . 9.74 2.75 28.67
O1 GOL O . 9.02 2.92 29.87
C2 GOL O . 9.01 1.83 27.68
O2 GOL O . 8.13 2.56 26.83
C3 GOL O . 10.06 1.13 26.82
O3 GOL O . 9.60 1.11 25.48
#